data_1MXJ
# 
_entry.id   1MXJ 
# 
_audit_conform.dict_name       mmcif_pdbx.dic 
_audit_conform.dict_version    5.392 
_audit_conform.dict_location   http://mmcif.pdb.org/dictionaries/ascii/mmcif_pdbx.dic 
# 
loop_
_database_2.database_id 
_database_2.database_code 
_database_2.pdbx_database_accession 
_database_2.pdbx_DOI 
PDB   1MXJ         pdb_00001mxj 10.2210/pdb1mxj/pdb 
RCSB  RCSB017281   ?            ?                   
WWPDB D_1000017281 ?            ?                   
# 
loop_
_pdbx_audit_revision_history.ordinal 
_pdbx_audit_revision_history.data_content_type 
_pdbx_audit_revision_history.major_revision 
_pdbx_audit_revision_history.minor_revision 
_pdbx_audit_revision_history.revision_date 
1 'Structure model' 1 0 2003-03-11 
2 'Structure model' 1 1 2008-04-28 
3 'Structure model' 1 2 2011-07-13 
4 'Structure model' 1 3 2022-02-23 
5 'Structure model' 1 4 2024-05-22 
# 
_pdbx_audit_revision_details.ordinal             1 
_pdbx_audit_revision_details.revision_ordinal    1 
_pdbx_audit_revision_details.data_content_type   'Structure model' 
_pdbx_audit_revision_details.provider            repository 
_pdbx_audit_revision_details.type                'Initial release' 
_pdbx_audit_revision_details.description         ? 
_pdbx_audit_revision_details.details             ? 
# 
loop_
_pdbx_audit_revision_group.ordinal 
_pdbx_audit_revision_group.revision_ordinal 
_pdbx_audit_revision_group.data_content_type 
_pdbx_audit_revision_group.group 
1 2 'Structure model' 'Version format compliance' 
2 3 'Structure model' 'Version format compliance' 
3 4 'Structure model' 'Database references'       
4 4 'Structure model' 'Derived calculations'      
5 5 'Structure model' 'Data collection'           
# 
loop_
_pdbx_audit_revision_category.ordinal 
_pdbx_audit_revision_category.revision_ordinal 
_pdbx_audit_revision_category.data_content_type 
_pdbx_audit_revision_category.category 
1 4 'Structure model' database_2            
2 4 'Structure model' pdbx_struct_assembly  
3 4 'Structure model' pdbx_struct_oper_list 
4 4 'Structure model' struct_conn           
5 4 'Structure model' struct_site           
6 5 'Structure model' chem_comp_atom        
7 5 'Structure model' chem_comp_bond        
# 
loop_
_pdbx_audit_revision_item.ordinal 
_pdbx_audit_revision_item.revision_ordinal 
_pdbx_audit_revision_item.data_content_type 
_pdbx_audit_revision_item.item 
1 4 'Structure model' '_database_2.pdbx_DOI'                
2 4 'Structure model' '_database_2.pdbx_database_accession' 
3 4 'Structure model' '_struct_conn.pdbx_leaving_atom_flag' 
4 4 'Structure model' '_struct_site.pdbx_auth_asym_id'      
5 4 'Structure model' '_struct_site.pdbx_auth_comp_id'      
6 4 'Structure model' '_struct_site.pdbx_auth_seq_id'       
# 
_pdbx_database_status.status_code                     REL 
_pdbx_database_status.entry_id                        1MXJ 
_pdbx_database_status.recvd_initial_deposition_date   2002-10-02 
_pdbx_database_status.deposit_site                    RCSB 
_pdbx_database_status.process_site                    RCSB 
_pdbx_database_status.SG_entry                        . 
_pdbx_database_status.pdb_format_compatible           Y 
_pdbx_database_status.status_code_mr                  ? 
_pdbx_database_status.status_code_sf                  ? 
_pdbx_database_status.status_code_cs                  ? 
_pdbx_database_status.status_code_nmr_data            ? 
_pdbx_database_status.methods_development_category    ? 
# 
loop_
_audit_author.name 
_audit_author.pdbx_ordinal 
'Kim, H.-Y.H.'    1 
'Wilkinson, A.S.' 2 
'Harris, C.M.'    3 
'Harris, T.M.'    4 
'Stone, M.P.'     5 
# 
_citation.id                        primary 
_citation.title                     
;Minor Groove Orientation for the (1S,2R,3S,4R)-N2-[1-(1,2,3,4-tetrahydro-2,3,4-trihydroxy-benz[a]anthracenyl)]-2'-deoxyguanosyl Adduct in the N-ras Codon 12 sequence
;
_citation.journal_abbrev            Biochemistry 
_citation.journal_volume            42 
_citation.page_first                2328 
_citation.page_last                 2338 
_citation.year                      2003 
_citation.journal_id_ASTM           BICHAW 
_citation.country                   US 
_citation.journal_id_ISSN           0006-2960 
_citation.journal_id_CSD            0033 
_citation.book_publisher            ? 
_citation.pdbx_database_id_PubMed   12600200 
_citation.pdbx_database_id_DOI      10.1021/bi020462k 
# 
loop_
_citation_author.citation_id 
_citation_author.name 
_citation_author.ordinal 
_citation_author.identifier_ORCID 
primary 'Kim, H.-Y.H.'    1 ? 
primary 'Wilkinson, A.S.' 2 ? 
primary 'Harris, C.M.'    3 ? 
primary 'Harris, T.M.'    4 ? 
primary 'Stone, M.P.'     5 ? 
# 
loop_
_entity.id 
_entity.type 
_entity.src_method 
_entity.pdbx_description 
_entity.formula_weight 
_entity.pdbx_number_of_molecules 
_entity.pdbx_ec 
_entity.pdbx_mutation 
_entity.pdbx_fragment 
_entity.details 
1 polymer     syn "5'-D(*GP*GP*CP*AP*GP*GP*TP*GP*GP*TP*G)-3'"             3470.257 1 ? ? ? ? 
2 polymer     syn "5'-D(*CP*AP*CP*CP*AP*CP*CP*TP*GP*CP*C)-3'"             3239.127 1 ? ? ? ? 
3 non-polymer syn '1S,2R,3S,4R-TETRAHYDRO-BENZO[A]ANTHRACENE-2,3,4-TRIOL' 280.318  1 ? ? ? ? 
# 
loop_
_entity_poly.entity_id 
_entity_poly.type 
_entity_poly.nstd_linkage 
_entity_poly.nstd_monomer 
_entity_poly.pdbx_seq_one_letter_code 
_entity_poly.pdbx_seq_one_letter_code_can 
_entity_poly.pdbx_strand_id 
_entity_poly.pdbx_target_identifier 
1 polydeoxyribonucleotide no no '(DG)(DG)(DC)(DA)(DG)(DG)(DT)(DG)(DG)(DT)(DG)' GGCAGGTGGTG A ? 
2 polydeoxyribonucleotide no no '(DC)(DA)(DC)(DC)(DA)(DC)(DC)(DT)(DG)(DC)(DC)' CACCACCTGCC B ? 
# 
_pdbx_entity_nonpoly.entity_id   3 
_pdbx_entity_nonpoly.name        '1S,2R,3S,4R-TETRAHYDRO-BENZO[A]ANTHRACENE-2,3,4-TRIOL' 
_pdbx_entity_nonpoly.comp_id     BZR 
# 
loop_
_entity_poly_seq.entity_id 
_entity_poly_seq.num 
_entity_poly_seq.mon_id 
_entity_poly_seq.hetero 
1 1  DG n 
1 2  DG n 
1 3  DC n 
1 4  DA n 
1 5  DG n 
1 6  DG n 
1 7  DT n 
1 8  DG n 
1 9  DG n 
1 10 DT n 
1 11 DG n 
2 1  DC n 
2 2  DA n 
2 3  DC n 
2 4  DC n 
2 5  DA n 
2 6  DC n 
2 7  DC n 
2 8  DT n 
2 9  DG n 
2 10 DC n 
2 11 DC n 
# 
loop_
_chem_comp.id 
_chem_comp.type 
_chem_comp.mon_nstd_flag 
_chem_comp.name 
_chem_comp.pdbx_synonyms 
_chem_comp.formula 
_chem_comp.formula_weight 
BZR non-polymer   . '1S,2R,3S,4R-TETRAHYDRO-BENZO[A]ANTHRACENE-2,3,4-TRIOL' ? 'C18 H16 O3'      280.318 
DA  'DNA linking' y "2'-DEOXYADENOSINE-5'-MONOPHOSPHATE"                    ? 'C10 H14 N5 O6 P' 331.222 
DC  'DNA linking' y "2'-DEOXYCYTIDINE-5'-MONOPHOSPHATE"                     ? 'C9 H14 N3 O7 P'  307.197 
DG  'DNA linking' y "2'-DEOXYGUANOSINE-5'-MONOPHOSPHATE"                    ? 'C10 H14 N5 O7 P' 347.221 
DT  'DNA linking' y "THYMIDINE-5'-MONOPHOSPHATE"                            ? 'C10 H15 N2 O8 P' 322.208 
# 
loop_
_pdbx_poly_seq_scheme.asym_id 
_pdbx_poly_seq_scheme.entity_id 
_pdbx_poly_seq_scheme.seq_id 
_pdbx_poly_seq_scheme.mon_id 
_pdbx_poly_seq_scheme.ndb_seq_num 
_pdbx_poly_seq_scheme.pdb_seq_num 
_pdbx_poly_seq_scheme.auth_seq_num 
_pdbx_poly_seq_scheme.pdb_mon_id 
_pdbx_poly_seq_scheme.auth_mon_id 
_pdbx_poly_seq_scheme.pdb_strand_id 
_pdbx_poly_seq_scheme.pdb_ins_code 
_pdbx_poly_seq_scheme.hetero 
A 1 1  DG 1  1  1  DG G A . n 
A 1 2  DG 2  2  2  DG G A . n 
A 1 3  DC 3  3  3  DC C A . n 
A 1 4  DA 4  4  4  DA A A . n 
A 1 5  DG 5  5  5  DG G A . n 
A 1 6  DG 6  6  6  DG G A . n 
A 1 7  DT 7  7  7  DT T A . n 
A 1 8  DG 8  8  8  DG G A . n 
A 1 9  DG 9  9  9  DG G A . n 
A 1 10 DT 10 10 10 DT T A . n 
A 1 11 DG 11 11 11 DG G A . n 
B 2 1  DC 1  12 12 DC C B . n 
B 2 2  DA 2  13 13 DA A B . n 
B 2 3  DC 3  14 14 DC C B . n 
B 2 4  DC 4  15 15 DC C B . n 
B 2 5  DA 5  16 16 DA A B . n 
B 2 6  DC 6  17 17 DC C B . n 
B 2 7  DC 7  18 18 DC C B . n 
B 2 8  DT 8  19 19 DT T B . n 
B 2 9  DG 9  20 20 DG G B . n 
B 2 10 DC 10 21 21 DC C B . n 
B 2 11 DC 11 22 22 DC C B . n 
# 
_pdbx_nonpoly_scheme.asym_id         C 
_pdbx_nonpoly_scheme.entity_id       3 
_pdbx_nonpoly_scheme.mon_id          BZR 
_pdbx_nonpoly_scheme.ndb_seq_num     1 
_pdbx_nonpoly_scheme.pdb_seq_num     26 
_pdbx_nonpoly_scheme.auth_seq_num    26 
_pdbx_nonpoly_scheme.pdb_mon_id      BZR 
_pdbx_nonpoly_scheme.auth_mon_id     BZR 
_pdbx_nonpoly_scheme.pdb_strand_id   A 
_pdbx_nonpoly_scheme.pdb_ins_code    . 
# 
_cell.entry_id           1MXJ 
_cell.length_a           1.000 
_cell.length_b           1.000 
_cell.length_c           1.000 
_cell.angle_alpha        90.00 
_cell.angle_beta         90.00 
_cell.angle_gamma        90.00 
_cell.Z_PDB              1 
_cell.pdbx_unique_axis   ? 
# 
_symmetry.entry_id                         1MXJ 
_symmetry.space_group_name_H-M             'P 1' 
_symmetry.pdbx_full_space_group_name_H-M   ? 
_symmetry.cell_setting                     ? 
_symmetry.Int_Tables_number                1 
# 
_exptl.entry_id          1MXJ 
_exptl.method            'SOLUTION NMR' 
_exptl.crystals_number   ? 
# 
_exptl_crystal.id                    1 
_exptl_crystal.density_meas          ? 
_exptl_crystal.density_Matthews      ? 
_exptl_crystal.density_percent_sol   ? 
_exptl_crystal.description           ? 
# 
_diffrn.id                     1 
_diffrn.ambient_temp           ? 
_diffrn.ambient_temp_details   ? 
_diffrn.crystal_id             1 
# 
_diffrn_radiation.diffrn_id                        1 
_diffrn_radiation.wavelength_id                    1 
_diffrn_radiation.pdbx_monochromatic_or_laue_m_l   M 
_diffrn_radiation.monochromator                    ? 
_diffrn_radiation.pdbx_diffrn_protocol             'SINGLE WAVELENGTH' 
_diffrn_radiation.pdbx_scattering_type             ? 
# 
_diffrn_radiation_wavelength.id           1 
_diffrn_radiation_wavelength.wavelength   . 
_diffrn_radiation_wavelength.wt           1.0 
# 
_struct.entry_id                  1MXJ 
_struct.title                     'NMR solution structure of benz[a]anthracene-dG in ras codon 12,2; GGCAGXTGGTG' 
_struct.pdbx_model_details        ? 
_struct.pdbx_CASP_flag            ? 
_struct.pdbx_model_type_details   'minimized average' 
# 
_struct_keywords.entry_id        1MXJ 
_struct_keywords.pdbx_keywords   DNA 
_struct_keywords.text            'DNA adduct, B-like DNA, DNA' 
# 
loop_
_struct_asym.id 
_struct_asym.pdbx_blank_PDB_chainid_flag 
_struct_asym.pdbx_modified 
_struct_asym.entity_id 
_struct_asym.details 
A N N 1 ? 
B N N 2 ? 
C N N 3 ? 
# 
loop_
_struct_ref.id 
_struct_ref.entity_id 
_struct_ref.db_name 
_struct_ref.db_code 
_struct_ref.pdbx_db_accession 
_struct_ref.pdbx_db_isoform 
_struct_ref.pdbx_seq_one_letter_code 
_struct_ref.pdbx_align_begin 
1 1 PDB 1MXJ 1MXJ ? ? ? 
2 2 PDB 1MXJ 1MXJ ? ? ? 
# 
loop_
_struct_ref_seq.align_id 
_struct_ref_seq.ref_id 
_struct_ref_seq.pdbx_PDB_id_code 
_struct_ref_seq.pdbx_strand_id 
_struct_ref_seq.seq_align_beg 
_struct_ref_seq.pdbx_seq_align_beg_ins_code 
_struct_ref_seq.seq_align_end 
_struct_ref_seq.pdbx_seq_align_end_ins_code 
_struct_ref_seq.pdbx_db_accession 
_struct_ref_seq.db_align_beg 
_struct_ref_seq.pdbx_db_align_beg_ins_code 
_struct_ref_seq.db_align_end 
_struct_ref_seq.pdbx_db_align_end_ins_code 
_struct_ref_seq.pdbx_auth_seq_align_beg 
_struct_ref_seq.pdbx_auth_seq_align_end 
1 1 1MXJ A 1 ? 11 ? 1MXJ 1  ? 11 ? 1  11 
2 2 1MXJ B 1 ? 11 ? 1MXJ 12 ? 22 ? 12 22 
# 
_pdbx_struct_assembly.id                   1 
_pdbx_struct_assembly.details              author_defined_assembly 
_pdbx_struct_assembly.method_details       ? 
_pdbx_struct_assembly.oligomeric_details   dimeric 
_pdbx_struct_assembly.oligomeric_count     2 
# 
_pdbx_struct_assembly_gen.assembly_id       1 
_pdbx_struct_assembly_gen.oper_expression   1 
_pdbx_struct_assembly_gen.asym_id_list      A,B,C 
# 
_pdbx_struct_oper_list.id                   1 
_pdbx_struct_oper_list.type                 'identity operation' 
_pdbx_struct_oper_list.name                 1_555 
_pdbx_struct_oper_list.symmetry_operation   x,y,z 
_pdbx_struct_oper_list.matrix[1][1]         1.0000000000 
_pdbx_struct_oper_list.matrix[1][2]         0.0000000000 
_pdbx_struct_oper_list.matrix[1][3]         0.0000000000 
_pdbx_struct_oper_list.vector[1]            0.0000000000 
_pdbx_struct_oper_list.matrix[2][1]         0.0000000000 
_pdbx_struct_oper_list.matrix[2][2]         1.0000000000 
_pdbx_struct_oper_list.matrix[2][3]         0.0000000000 
_pdbx_struct_oper_list.vector[2]            0.0000000000 
_pdbx_struct_oper_list.matrix[3][1]         0.0000000000 
_pdbx_struct_oper_list.matrix[3][2]         0.0000000000 
_pdbx_struct_oper_list.matrix[3][3]         1.0000000000 
_pdbx_struct_oper_list.vector[3]            0.0000000000 
# 
_struct_biol.id   1 
# 
loop_
_struct_conn.id 
_struct_conn.conn_type_id 
_struct_conn.pdbx_leaving_atom_flag 
_struct_conn.pdbx_PDB_id 
_struct_conn.ptnr1_label_asym_id 
_struct_conn.ptnr1_label_comp_id 
_struct_conn.ptnr1_label_seq_id 
_struct_conn.ptnr1_label_atom_id 
_struct_conn.pdbx_ptnr1_label_alt_id 
_struct_conn.pdbx_ptnr1_PDB_ins_code 
_struct_conn.pdbx_ptnr1_standard_comp_id 
_struct_conn.ptnr1_symmetry 
_struct_conn.ptnr2_label_asym_id 
_struct_conn.ptnr2_label_comp_id 
_struct_conn.ptnr2_label_seq_id 
_struct_conn.ptnr2_label_atom_id 
_struct_conn.pdbx_ptnr2_label_alt_id 
_struct_conn.pdbx_ptnr2_PDB_ins_code 
_struct_conn.ptnr1_auth_asym_id 
_struct_conn.ptnr1_auth_comp_id 
_struct_conn.ptnr1_auth_seq_id 
_struct_conn.ptnr2_auth_asym_id 
_struct_conn.ptnr2_auth_comp_id 
_struct_conn.ptnr2_auth_seq_id 
_struct_conn.ptnr2_symmetry 
_struct_conn.pdbx_ptnr3_label_atom_id 
_struct_conn.pdbx_ptnr3_label_seq_id 
_struct_conn.pdbx_ptnr3_label_comp_id 
_struct_conn.pdbx_ptnr3_label_asym_id 
_struct_conn.pdbx_ptnr3_label_alt_id 
_struct_conn.pdbx_ptnr3_PDB_ins_code 
_struct_conn.details 
_struct_conn.pdbx_dist_value 
_struct_conn.pdbx_value_order 
_struct_conn.pdbx_role 
covale1  covale none ? A DG 6  N2 ? ? ? 1_555 C BZR .  C4C ? ? A DG 6  A BZR 26 1_555 ? ? ? ? ? ? ?            1.315 ? ? 
hydrog1  hydrog ?    ? A DG 1  N1 ? ? ? 1_555 B DC  11 N3  ? ? A DG 1  B DC  22 1_555 ? ? ? ? ? ? WATSON-CRICK ?     ? ? 
hydrog2  hydrog ?    ? A DG 1  N2 ? ? ? 1_555 B DC  11 O2  ? ? A DG 1  B DC  22 1_555 ? ? ? ? ? ? WATSON-CRICK ?     ? ? 
hydrog3  hydrog ?    ? A DG 1  O6 ? ? ? 1_555 B DC  11 N4  ? ? A DG 1  B DC  22 1_555 ? ? ? ? ? ? WATSON-CRICK ?     ? ? 
hydrog4  hydrog ?    ? A DG 2  N1 ? ? ? 1_555 B DC  10 N3  ? ? A DG 2  B DC  21 1_555 ? ? ? ? ? ? WATSON-CRICK ?     ? ? 
hydrog5  hydrog ?    ? A DG 2  N2 ? ? ? 1_555 B DC  10 O2  ? ? A DG 2  B DC  21 1_555 ? ? ? ? ? ? WATSON-CRICK ?     ? ? 
hydrog6  hydrog ?    ? A DG 2  O6 ? ? ? 1_555 B DC  10 N4  ? ? A DG 2  B DC  21 1_555 ? ? ? ? ? ? WATSON-CRICK ?     ? ? 
hydrog7  hydrog ?    ? A DC 3  N3 ? ? ? 1_555 B DG  9  N1  ? ? A DC 3  B DG  20 1_555 ? ? ? ? ? ? WATSON-CRICK ?     ? ? 
hydrog8  hydrog ?    ? A DC 3  N4 ? ? ? 1_555 B DG  9  O6  ? ? A DC 3  B DG  20 1_555 ? ? ? ? ? ? WATSON-CRICK ?     ? ? 
hydrog9  hydrog ?    ? A DC 3  O2 ? ? ? 1_555 B DG  9  N2  ? ? A DC 3  B DG  20 1_555 ? ? ? ? ? ? WATSON-CRICK ?     ? ? 
hydrog10 hydrog ?    ? A DA 4  N1 ? ? ? 1_555 B DT  8  N3  ? ? A DA 4  B DT  19 1_555 ? ? ? ? ? ? WATSON-CRICK ?     ? ? 
hydrog11 hydrog ?    ? A DA 4  N6 ? ? ? 1_555 B DT  8  O4  ? ? A DA 4  B DT  19 1_555 ? ? ? ? ? ? WATSON-CRICK ?     ? ? 
hydrog12 hydrog ?    ? A DG 5  N1 ? ? ? 1_555 B DC  7  N3  ? ? A DG 5  B DC  18 1_555 ? ? ? ? ? ? WATSON-CRICK ?     ? ? 
hydrog13 hydrog ?    ? A DG 5  N2 ? ? ? 1_555 B DC  7  O2  ? ? A DG 5  B DC  18 1_555 ? ? ? ? ? ? WATSON-CRICK ?     ? ? 
hydrog14 hydrog ?    ? A DG 5  O6 ? ? ? 1_555 B DC  7  N4  ? ? A DG 5  B DC  18 1_555 ? ? ? ? ? ? WATSON-CRICK ?     ? ? 
hydrog15 hydrog ?    ? A DG 6  N1 ? ? ? 1_555 B DC  6  N3  ? ? A DG 6  B DC  17 1_555 ? ? ? ? ? ? WATSON-CRICK ?     ? ? 
hydrog16 hydrog ?    ? A DG 6  N2 ? ? ? 1_555 B DC  6  O2  ? ? A DG 6  B DC  17 1_555 ? ? ? ? ? ? WATSON-CRICK ?     ? ? 
hydrog17 hydrog ?    ? A DG 6  O6 ? ? ? 1_555 B DC  6  N4  ? ? A DG 6  B DC  17 1_555 ? ? ? ? ? ? WATSON-CRICK ?     ? ? 
hydrog18 hydrog ?    ? A DT 7  N3 ? ? ? 1_555 B DA  5  N1  ? ? A DT 7  B DA  16 1_555 ? ? ? ? ? ? WATSON-CRICK ?     ? ? 
hydrog19 hydrog ?    ? A DT 7  O4 ? ? ? 1_555 B DA  5  N6  ? ? A DT 7  B DA  16 1_555 ? ? ? ? ? ? WATSON-CRICK ?     ? ? 
hydrog20 hydrog ?    ? A DG 8  N1 ? ? ? 1_555 B DC  4  N3  ? ? A DG 8  B DC  15 1_555 ? ? ? ? ? ? WATSON-CRICK ?     ? ? 
hydrog21 hydrog ?    ? A DG 8  N2 ? ? ? 1_555 B DC  4  O2  ? ? A DG 8  B DC  15 1_555 ? ? ? ? ? ? WATSON-CRICK ?     ? ? 
hydrog22 hydrog ?    ? A DG 8  O6 ? ? ? 1_555 B DC  4  N4  ? ? A DG 8  B DC  15 1_555 ? ? ? ? ? ? WATSON-CRICK ?     ? ? 
hydrog23 hydrog ?    ? A DG 9  N1 ? ? ? 1_555 B DC  3  N3  ? ? A DG 9  B DC  14 1_555 ? ? ? ? ? ? WATSON-CRICK ?     ? ? 
hydrog24 hydrog ?    ? A DG 9  N2 ? ? ? 1_555 B DC  3  O2  ? ? A DG 9  B DC  14 1_555 ? ? ? ? ? ? WATSON-CRICK ?     ? ? 
hydrog25 hydrog ?    ? A DG 9  O6 ? ? ? 1_555 B DC  3  N4  ? ? A DG 9  B DC  14 1_555 ? ? ? ? ? ? WATSON-CRICK ?     ? ? 
hydrog26 hydrog ?    ? A DT 10 N3 ? ? ? 1_555 B DA  2  N1  ? ? A DT 10 B DA  13 1_555 ? ? ? ? ? ? WATSON-CRICK ?     ? ? 
hydrog27 hydrog ?    ? A DT 10 O4 ? ? ? 1_555 B DA  2  N6  ? ? A DT 10 B DA  13 1_555 ? ? ? ? ? ? WATSON-CRICK ?     ? ? 
hydrog28 hydrog ?    ? A DG 11 N1 ? ? ? 1_555 B DC  1  N3  ? ? A DG 11 B DC  12 1_555 ? ? ? ? ? ? WATSON-CRICK ?     ? ? 
hydrog29 hydrog ?    ? A DG 11 N2 ? ? ? 1_555 B DC  1  O2  ? ? A DG 11 B DC  12 1_555 ? ? ? ? ? ? WATSON-CRICK ?     ? ? 
hydrog30 hydrog ?    ? A DG 11 O6 ? ? ? 1_555 B DC  1  N4  ? ? A DG 11 B DC  12 1_555 ? ? ? ? ? ? WATSON-CRICK ?     ? ? 
# 
loop_
_struct_conn_type.id 
_struct_conn_type.criteria 
_struct_conn_type.reference 
covale ? ? 
hydrog ? ? 
# 
_struct_site.id                   AC1 
_struct_site.pdbx_evidence_code   Software 
_struct_site.pdbx_auth_asym_id    A 
_struct_site.pdbx_auth_comp_id    BZR 
_struct_site.pdbx_auth_seq_id     26 
_struct_site.pdbx_auth_ins_code   ? 
_struct_site.pdbx_num_residues    7 
_struct_site.details              'BINDING SITE FOR RESIDUE BZR A 26' 
# 
loop_
_struct_site_gen.id 
_struct_site_gen.site_id 
_struct_site_gen.pdbx_num_res 
_struct_site_gen.label_comp_id 
_struct_site_gen.label_asym_id 
_struct_site_gen.label_seq_id 
_struct_site_gen.pdbx_auth_ins_code 
_struct_site_gen.auth_comp_id 
_struct_site_gen.auth_asym_id 
_struct_site_gen.auth_seq_id 
_struct_site_gen.label_atom_id 
_struct_site_gen.label_alt_id 
_struct_site_gen.symmetry 
_struct_site_gen.details 
1 AC1 7 DG A 5 ? DG A 5  . ? 1_555 ? 
2 AC1 7 DG A 6 ? DG A 6  . ? 1_555 ? 
3 AC1 7 DT A 7 ? DT A 7  . ? 1_555 ? 
4 AC1 7 DG A 8 ? DG A 8  . ? 1_555 ? 
5 AC1 7 DC B 6 ? DC B 17 . ? 1_555 ? 
6 AC1 7 DC B 7 ? DC B 18 . ? 1_555 ? 
7 AC1 7 DT B 8 ? DT B 19 . ? 1_555 ? 
# 
loop_
_pdbx_validate_close_contact.id 
_pdbx_validate_close_contact.PDB_model_num 
_pdbx_validate_close_contact.auth_atom_id_1 
_pdbx_validate_close_contact.auth_asym_id_1 
_pdbx_validate_close_contact.auth_comp_id_1 
_pdbx_validate_close_contact.auth_seq_id_1 
_pdbx_validate_close_contact.PDB_ins_code_1 
_pdbx_validate_close_contact.label_alt_id_1 
_pdbx_validate_close_contact.auth_atom_id_2 
_pdbx_validate_close_contact.auth_asym_id_2 
_pdbx_validate_close_contact.auth_comp_id_2 
_pdbx_validate_close_contact.auth_seq_id_2 
_pdbx_validate_close_contact.PDB_ins_code_2 
_pdbx_validate_close_contact.label_alt_id_2 
_pdbx_validate_close_contact.dist 
1 1 "O4'" A DT 7 ? ? H3  A BZR 26 ? ? 1.31 
2 1 N2    A DG 6 ? ? C9C A BZR 26 ? ? 2.13 
# 
loop_
_pdbx_validate_rmsd_angle.id 
_pdbx_validate_rmsd_angle.PDB_model_num 
_pdbx_validate_rmsd_angle.auth_atom_id_1 
_pdbx_validate_rmsd_angle.auth_asym_id_1 
_pdbx_validate_rmsd_angle.auth_comp_id_1 
_pdbx_validate_rmsd_angle.auth_seq_id_1 
_pdbx_validate_rmsd_angle.PDB_ins_code_1 
_pdbx_validate_rmsd_angle.label_alt_id_1 
_pdbx_validate_rmsd_angle.auth_atom_id_2 
_pdbx_validate_rmsd_angle.auth_asym_id_2 
_pdbx_validate_rmsd_angle.auth_comp_id_2 
_pdbx_validate_rmsd_angle.auth_seq_id_2 
_pdbx_validate_rmsd_angle.PDB_ins_code_2 
_pdbx_validate_rmsd_angle.label_alt_id_2 
_pdbx_validate_rmsd_angle.auth_atom_id_3 
_pdbx_validate_rmsd_angle.auth_asym_id_3 
_pdbx_validate_rmsd_angle.auth_comp_id_3 
_pdbx_validate_rmsd_angle.auth_seq_id_3 
_pdbx_validate_rmsd_angle.PDB_ins_code_3 
_pdbx_validate_rmsd_angle.label_alt_id_3 
_pdbx_validate_rmsd_angle.angle_value 
_pdbx_validate_rmsd_angle.angle_target_value 
_pdbx_validate_rmsd_angle.angle_deviation 
_pdbx_validate_rmsd_angle.angle_standard_deviation 
_pdbx_validate_rmsd_angle.linker_flag 
1  1 "O4'" A DG 1  ? ? "C1'" A DG 1  ? ? N9 A DG 1  ? ? 111.66 108.30 3.36  0.30 N 
2  1 N7    A DG 1  ? ? C8    A DG 1  ? ? N9 A DG 1  ? ? 117.55 113.10 4.45  0.50 N 
3  1 C8    A DG 1  ? ? N9    A DG 1  ? ? C4 A DG 1  ? ? 103.97 106.40 -2.43 0.40 N 
4  1 "O4'" A DG 2  ? ? "C1'" A DG 2  ? ? N9 A DG 2  ? ? 110.81 108.30 2.51  0.30 N 
5  1 N7    A DG 2  ? ? C8    A DG 2  ? ? N9 A DG 2  ? ? 117.67 113.10 4.57  0.50 N 
6  1 C8    A DG 2  ? ? N9    A DG 2  ? ? C4 A DG 2  ? ? 103.71 106.40 -2.69 0.40 N 
7  1 "O4'" A DC 3  ? ? "C1'" A DC 3  ? ? N1 A DC 3  ? ? 110.74 108.30 2.44  0.30 N 
8  1 "O4'" A DA 4  ? ? "C1'" A DA 4  ? ? N9 A DA 4  ? ? 110.78 108.30 2.48  0.30 N 
9  1 N7    A DA 4  ? ? C8    A DA 4  ? ? N9 A DA 4  ? ? 117.55 113.80 3.75  0.50 N 
10 1 "O4'" A DG 5  ? ? "C1'" A DG 5  ? ? N9 A DG 5  ? ? 110.93 108.30 2.63  0.30 N 
11 1 N7    A DG 5  ? ? C8    A DG 5  ? ? N9 A DG 5  ? ? 117.62 113.10 4.52  0.50 N 
12 1 C8    A DG 5  ? ? N9    A DG 5  ? ? C4 A DG 5  ? ? 103.75 106.40 -2.65 0.40 N 
13 1 "O4'" A DG 6  ? ? "C1'" A DG 6  ? ? N9 A DG 6  ? ? 111.77 108.30 3.47  0.30 N 
14 1 N7    A DG 6  ? ? C8    A DG 6  ? ? N9 A DG 6  ? ? 117.67 113.10 4.57  0.50 N 
15 1 C8    A DG 6  ? ? N9    A DG 6  ? ? C4 A DG 6  ? ? 103.77 106.40 -2.63 0.40 N 
16 1 "O4'" A DT 7  ? ? "C1'" A DT 7  ? ? N1 A DT 7  ? ? 110.97 108.30 2.67  0.30 N 
17 1 "O4'" A DG 8  ? ? "C1'" A DG 8  ? ? N9 A DG 8  ? ? 110.87 108.30 2.57  0.30 N 
18 1 N7    A DG 8  ? ? C8    A DG 8  ? ? N9 A DG 8  ? ? 117.77 113.10 4.67  0.50 N 
19 1 C8    A DG 8  ? ? N9    A DG 8  ? ? C4 A DG 8  ? ? 103.96 106.40 -2.44 0.40 N 
20 1 "O4'" A DG 9  ? ? "C1'" A DG 9  ? ? N9 A DG 9  ? ? 111.32 108.30 3.02  0.30 N 
21 1 N7    A DG 9  ? ? C8    A DG 9  ? ? N9 A DG 9  ? ? 117.72 113.10 4.62  0.50 N 
22 1 C8    A DG 9  ? ? N9    A DG 9  ? ? C4 A DG 9  ? ? 103.97 106.40 -2.43 0.40 N 
23 1 "O4'" A DT 10 ? ? "C1'" A DT 10 ? ? N1 A DT 10 ? ? 111.35 108.30 3.05  0.30 N 
24 1 "O4'" A DG 11 ? ? "C1'" A DG 11 ? ? N9 A DG 11 ? ? 111.55 108.30 3.25  0.30 N 
25 1 N7    A DG 11 ? ? C8    A DG 11 ? ? N9 A DG 11 ? ? 117.64 113.10 4.54  0.50 N 
26 1 C8    A DG 11 ? ? N9    A DG 11 ? ? C4 A DG 11 ? ? 103.68 106.40 -2.72 0.40 N 
27 1 "O4'" B DC 12 ? ? "C1'" B DC 12 ? ? N1 B DC 12 ? ? 111.13 108.30 2.83  0.30 N 
28 1 "O4'" B DA 13 ? ? "C1'" B DA 13 ? ? N9 B DA 13 ? ? 110.71 108.30 2.41  0.30 N 
29 1 N7    B DA 13 ? ? C8    B DA 13 ? ? N9 B DA 13 ? ? 117.55 113.80 3.75  0.50 N 
30 1 "O4'" B DC 14 ? ? "C1'" B DC 14 ? ? N1 B DC 14 ? ? 112.71 108.30 4.41  0.30 N 
31 1 "O4'" B DC 15 ? ? "C1'" B DC 15 ? ? N1 B DC 15 ? ? 111.39 108.30 3.09  0.30 N 
32 1 "O4'" B DA 16 ? ? "C1'" B DA 16 ? ? N9 B DA 16 ? ? 110.79 108.30 2.49  0.30 N 
33 1 N7    B DA 16 ? ? C8    B DA 16 ? ? N9 B DA 16 ? ? 117.53 113.80 3.73  0.50 N 
34 1 "O4'" B DC 17 ? ? "C1'" B DC 17 ? ? N1 B DC 17 ? ? 110.63 108.30 2.33  0.30 N 
35 1 "O4'" B DC 18 ? ? "C1'" B DC 18 ? ? N1 B DC 18 ? ? 110.92 108.30 2.62  0.30 N 
36 1 "O4'" B DT 19 ? ? "C1'" B DT 19 ? ? N1 B DT 19 ? ? 110.68 108.30 2.38  0.30 N 
37 1 "O4'" B DG 20 ? ? "C1'" B DG 20 ? ? N9 B DG 20 ? ? 112.16 108.30 3.86  0.30 N 
38 1 N7    B DG 20 ? ? C8    B DG 20 ? ? N9 B DG 20 ? ? 117.79 113.10 4.69  0.50 N 
39 1 "O4'" B DC 22 ? ? "C1'" B DC 22 ? ? N1 B DC 22 ? ? 111.12 108.30 2.82  0.30 N 
# 
_pdbx_nmr_ensemble.entry_id                             1MXJ 
_pdbx_nmr_ensemble.conformers_calculated_total_number   ? 
_pdbx_nmr_ensemble.conformers_submitted_total_number    1 
_pdbx_nmr_ensemble.conformer_selection_criteria         ? 
# 
_pdbx_nmr_representative.entry_id             1MXJ 
_pdbx_nmr_representative.conformer_id         ? 
_pdbx_nmr_representative.selection_criteria   'minimized average structure' 
# 
_pdbx_nmr_sample_details.solution_id      1 
_pdbx_nmr_sample_details.contents         '1.7 mM DNA, 10 mM sodium phosphate buffer, pH=7.0' 
_pdbx_nmr_sample_details.solvent_system   
;99.99% D2O 
90 % H2O, 10% D2O
;
# 
_pdbx_nmr_exptl_sample_conditions.conditions_id       1 
_pdbx_nmr_exptl_sample_conditions.temperature         298 
_pdbx_nmr_exptl_sample_conditions.pressure            ambient 
_pdbx_nmr_exptl_sample_conditions.pH                  7.0 
_pdbx_nmr_exptl_sample_conditions.ionic_strength      ? 
_pdbx_nmr_exptl_sample_conditions.pressure_units      ? 
_pdbx_nmr_exptl_sample_conditions.temperature_units   K 
# 
_pdbx_nmr_exptl.experiment_id   1 
_pdbx_nmr_exptl.solution_id     1 
_pdbx_nmr_exptl.conditions_id   1 
_pdbx_nmr_exptl.type            DQF-COSY 
# 
_pdbx_nmr_refine.entry_id           1MXJ 
_pdbx_nmr_refine.method             
'distance geometry, simulated annealing, molecular dynamics, matrix relaxation, torsion angle dynamics' 
_pdbx_nmr_refine.details            ? 
_pdbx_nmr_refine.software_ordinal   1 
# 
loop_
_chem_comp_atom.comp_id 
_chem_comp_atom.atom_id 
_chem_comp_atom.type_symbol 
_chem_comp_atom.pdbx_aromatic_flag 
_chem_comp_atom.pdbx_stereo_config 
_chem_comp_atom.pdbx_ordinal 
BZR C4C    C N N 1   
BZR C9C    C N R 2   
BZR O3     O N N 3   
BZR C8B    C N R 4   
BZR O2     O N N 5   
BZR C3B    C N R 6   
BZR O1     O N N 7   
BZR C3A    C Y N 8   
BZR C2A    C Y N 9   
BZR C4A    C Y N 10  
BZR C1A    C Y N 11  
BZR C5A    C Y N 12  
BZR C4B    C Y N 13  
BZR C6A    C Y N 14  
BZR C7A    C Y N 15  
BZR C8A    C Y N 16  
BZR C5B    C Y N 17  
BZR C9B    C Y N 18  
BZR C11    C Y N 19  
BZR C9A    C Y N 20  
BZR C10    C Y N 21  
BZR H4C1   H N N 22  
BZR H4C2   H N N 23  
BZR H9C    H N N 24  
BZR H3     H N N 25  
BZR H8B    H N N 26  
BZR HO2    H N N 27  
BZR H3B    H N N 28  
BZR H1     H N N 29  
BZR H2A    H N N 30  
BZR H1A    H N N 31  
BZR H5A    H N N 32  
BZR H6A    H N N 33  
BZR H7A    H N N 34  
BZR H8A    H N N 35  
BZR H9A    H N N 36  
BZR H10    H N N 37  
DA  OP3    O N N 38  
DA  P      P N N 39  
DA  OP1    O N N 40  
DA  OP2    O N N 41  
DA  "O5'"  O N N 42  
DA  "C5'"  C N N 43  
DA  "C4'"  C N R 44  
DA  "O4'"  O N N 45  
DA  "C3'"  C N S 46  
DA  "O3'"  O N N 47  
DA  "C2'"  C N N 48  
DA  "C1'"  C N R 49  
DA  N9     N Y N 50  
DA  C8     C Y N 51  
DA  N7     N Y N 52  
DA  C5     C Y N 53  
DA  C6     C Y N 54  
DA  N6     N N N 55  
DA  N1     N Y N 56  
DA  C2     C Y N 57  
DA  N3     N Y N 58  
DA  C4     C Y N 59  
DA  HOP3   H N N 60  
DA  HOP2   H N N 61  
DA  "H5'"  H N N 62  
DA  "H5''" H N N 63  
DA  "H4'"  H N N 64  
DA  "H3'"  H N N 65  
DA  "HO3'" H N N 66  
DA  "H2'"  H N N 67  
DA  "H2''" H N N 68  
DA  "H1'"  H N N 69  
DA  H8     H N N 70  
DA  H61    H N N 71  
DA  H62    H N N 72  
DA  H2     H N N 73  
DC  OP3    O N N 74  
DC  P      P N N 75  
DC  OP1    O N N 76  
DC  OP2    O N N 77  
DC  "O5'"  O N N 78  
DC  "C5'"  C N N 79  
DC  "C4'"  C N R 80  
DC  "O4'"  O N N 81  
DC  "C3'"  C N S 82  
DC  "O3'"  O N N 83  
DC  "C2'"  C N N 84  
DC  "C1'"  C N R 85  
DC  N1     N N N 86  
DC  C2     C N N 87  
DC  O2     O N N 88  
DC  N3     N N N 89  
DC  C4     C N N 90  
DC  N4     N N N 91  
DC  C5     C N N 92  
DC  C6     C N N 93  
DC  HOP3   H N N 94  
DC  HOP2   H N N 95  
DC  "H5'"  H N N 96  
DC  "H5''" H N N 97  
DC  "H4'"  H N N 98  
DC  "H3'"  H N N 99  
DC  "HO3'" H N N 100 
DC  "H2'"  H N N 101 
DC  "H2''" H N N 102 
DC  "H1'"  H N N 103 
DC  H41    H N N 104 
DC  H42    H N N 105 
DC  H5     H N N 106 
DC  H6     H N N 107 
DG  OP3    O N N 108 
DG  P      P N N 109 
DG  OP1    O N N 110 
DG  OP2    O N N 111 
DG  "O5'"  O N N 112 
DG  "C5'"  C N N 113 
DG  "C4'"  C N R 114 
DG  "O4'"  O N N 115 
DG  "C3'"  C N S 116 
DG  "O3'"  O N N 117 
DG  "C2'"  C N N 118 
DG  "C1'"  C N R 119 
DG  N9     N Y N 120 
DG  C8     C Y N 121 
DG  N7     N Y N 122 
DG  C5     C Y N 123 
DG  C6     C N N 124 
DG  O6     O N N 125 
DG  N1     N N N 126 
DG  C2     C N N 127 
DG  N2     N N N 128 
DG  N3     N N N 129 
DG  C4     C Y N 130 
DG  HOP3   H N N 131 
DG  HOP2   H N N 132 
DG  "H5'"  H N N 133 
DG  "H5''" H N N 134 
DG  "H4'"  H N N 135 
DG  "H3'"  H N N 136 
DG  "HO3'" H N N 137 
DG  "H2'"  H N N 138 
DG  "H2''" H N N 139 
DG  "H1'"  H N N 140 
DG  H8     H N N 141 
DG  H1     H N N 142 
DG  H21    H N N 143 
DG  H22    H N N 144 
DT  OP3    O N N 145 
DT  P      P N N 146 
DT  OP1    O N N 147 
DT  OP2    O N N 148 
DT  "O5'"  O N N 149 
DT  "C5'"  C N N 150 
DT  "C4'"  C N R 151 
DT  "O4'"  O N N 152 
DT  "C3'"  C N S 153 
DT  "O3'"  O N N 154 
DT  "C2'"  C N N 155 
DT  "C1'"  C N R 156 
DT  N1     N N N 157 
DT  C2     C N N 158 
DT  O2     O N N 159 
DT  N3     N N N 160 
DT  C4     C N N 161 
DT  O4     O N N 162 
DT  C5     C N N 163 
DT  C7     C N N 164 
DT  C6     C N N 165 
DT  HOP3   H N N 166 
DT  HOP2   H N N 167 
DT  "H5'"  H N N 168 
DT  "H5''" H N N 169 
DT  "H4'"  H N N 170 
DT  "H3'"  H N N 171 
DT  "HO3'" H N N 172 
DT  "H2'"  H N N 173 
DT  "H2''" H N N 174 
DT  "H1'"  H N N 175 
DT  H3     H N N 176 
DT  H71    H N N 177 
DT  H72    H N N 178 
DT  H73    H N N 179 
DT  H6     H N N 180 
# 
loop_
_chem_comp_bond.comp_id 
_chem_comp_bond.atom_id_1 
_chem_comp_bond.atom_id_2 
_chem_comp_bond.value_order 
_chem_comp_bond.pdbx_aromatic_flag 
_chem_comp_bond.pdbx_stereo_config 
_chem_comp_bond.pdbx_ordinal 
BZR C4C   C9C    sing N N 1   
BZR C4C   C4A    sing N N 2   
BZR C4C   H4C1   sing N N 3   
BZR C4C   H4C2   sing N N 4   
BZR C9C   O3     sing N N 5   
BZR C9C   C8B    sing N N 6   
BZR C9C   H9C    sing N N 7   
BZR O3    H3     sing N N 8   
BZR C8B   O2     sing N N 9   
BZR C8B   C3B    sing N N 10  
BZR C8B   H8B    sing N N 11  
BZR O2    HO2    sing N N 12  
BZR C3B   O1     sing N N 13  
BZR C3B   C3A    sing N N 14  
BZR C3B   H3B    sing N N 15  
BZR O1    H1     sing N N 16  
BZR C3A   C2A    doub Y N 17  
BZR C3A   C4A    sing Y N 18  
BZR C2A   C1A    sing Y N 19  
BZR C2A   H2A    sing N N 20  
BZR C4A   C4B    doub Y N 21  
BZR C1A   C11    doub Y N 22  
BZR C1A   H1A    sing N N 23  
BZR C5A   C4B    sing Y N 24  
BZR C5A   C5B    doub Y N 25  
BZR C5A   H5A    sing N N 26  
BZR C4B   C11    sing Y N 27  
BZR C6A   C7A    doub Y N 28  
BZR C6A   C5B    sing Y N 29  
BZR C6A   H6A    sing N N 30  
BZR C7A   C8A    sing Y N 31  
BZR C7A   H7A    sing N N 32  
BZR C8A   C9A    doub Y N 33  
BZR C8A   H8A    sing N N 34  
BZR C5B   C9B    sing Y N 35  
BZR C9B   C9A    sing Y N 36  
BZR C9B   C10    doub Y N 37  
BZR C11   C10    sing Y N 38  
BZR C9A   H9A    sing N N 39  
BZR C10   H10    sing N N 40  
DA  OP3   P      sing N N 41  
DA  OP3   HOP3   sing N N 42  
DA  P     OP1    doub N N 43  
DA  P     OP2    sing N N 44  
DA  P     "O5'"  sing N N 45  
DA  OP2   HOP2   sing N N 46  
DA  "O5'" "C5'"  sing N N 47  
DA  "C5'" "C4'"  sing N N 48  
DA  "C5'" "H5'"  sing N N 49  
DA  "C5'" "H5''" sing N N 50  
DA  "C4'" "O4'"  sing N N 51  
DA  "C4'" "C3'"  sing N N 52  
DA  "C4'" "H4'"  sing N N 53  
DA  "O4'" "C1'"  sing N N 54  
DA  "C3'" "O3'"  sing N N 55  
DA  "C3'" "C2'"  sing N N 56  
DA  "C3'" "H3'"  sing N N 57  
DA  "O3'" "HO3'" sing N N 58  
DA  "C2'" "C1'"  sing N N 59  
DA  "C2'" "H2'"  sing N N 60  
DA  "C2'" "H2''" sing N N 61  
DA  "C1'" N9     sing N N 62  
DA  "C1'" "H1'"  sing N N 63  
DA  N9    C8     sing Y N 64  
DA  N9    C4     sing Y N 65  
DA  C8    N7     doub Y N 66  
DA  C8    H8     sing N N 67  
DA  N7    C5     sing Y N 68  
DA  C5    C6     sing Y N 69  
DA  C5    C4     doub Y N 70  
DA  C6    N6     sing N N 71  
DA  C6    N1     doub Y N 72  
DA  N6    H61    sing N N 73  
DA  N6    H62    sing N N 74  
DA  N1    C2     sing Y N 75  
DA  C2    N3     doub Y N 76  
DA  C2    H2     sing N N 77  
DA  N3    C4     sing Y N 78  
DC  OP3   P      sing N N 79  
DC  OP3   HOP3   sing N N 80  
DC  P     OP1    doub N N 81  
DC  P     OP2    sing N N 82  
DC  P     "O5'"  sing N N 83  
DC  OP2   HOP2   sing N N 84  
DC  "O5'" "C5'"  sing N N 85  
DC  "C5'" "C4'"  sing N N 86  
DC  "C5'" "H5'"  sing N N 87  
DC  "C5'" "H5''" sing N N 88  
DC  "C4'" "O4'"  sing N N 89  
DC  "C4'" "C3'"  sing N N 90  
DC  "C4'" "H4'"  sing N N 91  
DC  "O4'" "C1'"  sing N N 92  
DC  "C3'" "O3'"  sing N N 93  
DC  "C3'" "C2'"  sing N N 94  
DC  "C3'" "H3'"  sing N N 95  
DC  "O3'" "HO3'" sing N N 96  
DC  "C2'" "C1'"  sing N N 97  
DC  "C2'" "H2'"  sing N N 98  
DC  "C2'" "H2''" sing N N 99  
DC  "C1'" N1     sing N N 100 
DC  "C1'" "H1'"  sing N N 101 
DC  N1    C2     sing N N 102 
DC  N1    C6     sing N N 103 
DC  C2    O2     doub N N 104 
DC  C2    N3     sing N N 105 
DC  N3    C4     doub N N 106 
DC  C4    N4     sing N N 107 
DC  C4    C5     sing N N 108 
DC  N4    H41    sing N N 109 
DC  N4    H42    sing N N 110 
DC  C5    C6     doub N N 111 
DC  C5    H5     sing N N 112 
DC  C6    H6     sing N N 113 
DG  OP3   P      sing N N 114 
DG  OP3   HOP3   sing N N 115 
DG  P     OP1    doub N N 116 
DG  P     OP2    sing N N 117 
DG  P     "O5'"  sing N N 118 
DG  OP2   HOP2   sing N N 119 
DG  "O5'" "C5'"  sing N N 120 
DG  "C5'" "C4'"  sing N N 121 
DG  "C5'" "H5'"  sing N N 122 
DG  "C5'" "H5''" sing N N 123 
DG  "C4'" "O4'"  sing N N 124 
DG  "C4'" "C3'"  sing N N 125 
DG  "C4'" "H4'"  sing N N 126 
DG  "O4'" "C1'"  sing N N 127 
DG  "C3'" "O3'"  sing N N 128 
DG  "C3'" "C2'"  sing N N 129 
DG  "C3'" "H3'"  sing N N 130 
DG  "O3'" "HO3'" sing N N 131 
DG  "C2'" "C1'"  sing N N 132 
DG  "C2'" "H2'"  sing N N 133 
DG  "C2'" "H2''" sing N N 134 
DG  "C1'" N9     sing N N 135 
DG  "C1'" "H1'"  sing N N 136 
DG  N9    C8     sing Y N 137 
DG  N9    C4     sing Y N 138 
DG  C8    N7     doub Y N 139 
DG  C8    H8     sing N N 140 
DG  N7    C5     sing Y N 141 
DG  C5    C6     sing N N 142 
DG  C5    C4     doub Y N 143 
DG  C6    O6     doub N N 144 
DG  C6    N1     sing N N 145 
DG  N1    C2     sing N N 146 
DG  N1    H1     sing N N 147 
DG  C2    N2     sing N N 148 
DG  C2    N3     doub N N 149 
DG  N2    H21    sing N N 150 
DG  N2    H22    sing N N 151 
DG  N3    C4     sing N N 152 
DT  OP3   P      sing N N 153 
DT  OP3   HOP3   sing N N 154 
DT  P     OP1    doub N N 155 
DT  P     OP2    sing N N 156 
DT  P     "O5'"  sing N N 157 
DT  OP2   HOP2   sing N N 158 
DT  "O5'" "C5'"  sing N N 159 
DT  "C5'" "C4'"  sing N N 160 
DT  "C5'" "H5'"  sing N N 161 
DT  "C5'" "H5''" sing N N 162 
DT  "C4'" "O4'"  sing N N 163 
DT  "C4'" "C3'"  sing N N 164 
DT  "C4'" "H4'"  sing N N 165 
DT  "O4'" "C1'"  sing N N 166 
DT  "C3'" "O3'"  sing N N 167 
DT  "C3'" "C2'"  sing N N 168 
DT  "C3'" "H3'"  sing N N 169 
DT  "O3'" "HO3'" sing N N 170 
DT  "C2'" "C1'"  sing N N 171 
DT  "C2'" "H2'"  sing N N 172 
DT  "C2'" "H2''" sing N N 173 
DT  "C1'" N1     sing N N 174 
DT  "C1'" "H1'"  sing N N 175 
DT  N1    C2     sing N N 176 
DT  N1    C6     sing N N 177 
DT  C2    O2     doub N N 178 
DT  C2    N3     sing N N 179 
DT  N3    C4     sing N N 180 
DT  N3    H3     sing N N 181 
DT  C4    O4     doub N N 182 
DT  C4    C5     sing N N 183 
DT  C5    C7     sing N N 184 
DT  C5    C6     doub N N 185 
DT  C7    H71    sing N N 186 
DT  C7    H72    sing N N 187 
DT  C7    H73    sing N N 188 
DT  C6    H6     sing N N 189 
# 
_ndb_struct_conf_na.entry_id   1MXJ 
_ndb_struct_conf_na.feature    'double helix' 
# 
loop_
_ndb_struct_na_base_pair.model_number 
_ndb_struct_na_base_pair.i_label_asym_id 
_ndb_struct_na_base_pair.i_label_comp_id 
_ndb_struct_na_base_pair.i_label_seq_id 
_ndb_struct_na_base_pair.i_symmetry 
_ndb_struct_na_base_pair.j_label_asym_id 
_ndb_struct_na_base_pair.j_label_comp_id 
_ndb_struct_na_base_pair.j_label_seq_id 
_ndb_struct_na_base_pair.j_symmetry 
_ndb_struct_na_base_pair.shear 
_ndb_struct_na_base_pair.stretch 
_ndb_struct_na_base_pair.stagger 
_ndb_struct_na_base_pair.buckle 
_ndb_struct_na_base_pair.propeller 
_ndb_struct_na_base_pair.opening 
_ndb_struct_na_base_pair.pair_number 
_ndb_struct_na_base_pair.pair_name 
_ndb_struct_na_base_pair.i_auth_asym_id 
_ndb_struct_na_base_pair.i_auth_seq_id 
_ndb_struct_na_base_pair.i_PDB_ins_code 
_ndb_struct_na_base_pair.j_auth_asym_id 
_ndb_struct_na_base_pair.j_auth_seq_id 
_ndb_struct_na_base_pair.j_PDB_ins_code 
_ndb_struct_na_base_pair.hbond_type_28 
_ndb_struct_na_base_pair.hbond_type_12 
1 A DG 1  1_555 B DC 11 1_555 -0.261 -0.218 -0.391 -8.176 -5.369  0.331  1  A_DG1:DC22_B  A 1  ? B 22 ? 19 1 
1 A DG 2  1_555 B DC 10 1_555 -0.043 -0.083 -0.092 -7.116 1.003   -6.197 2  A_DG2:DC21_B  A 2  ? B 21 ? 19 1 
1 A DC 3  1_555 B DG 9  1_555 -0.281 -0.063 0.072  -7.104 -4.964  1.902  3  A_DC3:DG20_B  A 3  ? B 20 ? 19 1 
1 A DA 4  1_555 B DT 8  1_555 0.169  -0.063 0.154  -0.444 -8.065  0.380  4  A_DA4:DT19_B  A 4  ? B 19 ? 20 1 
1 A DG 5  1_555 B DC 7  1_555 -0.716 -0.353 0.023  -1.005 -0.857  -2.280 5  A_DG5:DC18_B  A 5  ? B 18 ? 19 1 
1 A DG 6  1_555 B DC 6  1_555 -0.781 -0.208 0.218  5.965  0.081   3.103  6  A_DG6:DC17_B  A 6  ? B 17 ? 19 1 
1 A DT 7  1_555 B DA 5  1_555 -0.199 -0.112 0.208  -3.104 -8.023  2.311  7  A_DT7:DA16_B  A 7  ? B 16 ? 20 1 
1 A DG 8  1_555 B DC 4  1_555 -0.684 -0.301 0.253  8.908  -5.758  -3.540 8  A_DG8:DC15_B  A 8  ? B 15 ? 19 1 
1 A DG 9  1_555 B DC 3  1_555 -0.604 -0.297 -0.077 2.775  -9.204  -2.787 9  A_DG9:DC14_B  A 9  ? B 14 ? 19 1 
1 A DT 10 1_555 B DA 2  1_555 -0.289 -0.039 -0.410 14.633 -19.080 -5.772 10 A_DT10:DA13_B A 10 ? B 13 ? 20 1 
1 A DG 11 1_555 B DC 1  1_555 -0.940 -0.277 0.253  13.027 2.409   2.196  11 A_DG11:DC12_B A 11 ? B 12 ? 19 1 
# 
loop_
_ndb_struct_na_base_pair_step.model_number 
_ndb_struct_na_base_pair_step.i_label_asym_id_1 
_ndb_struct_na_base_pair_step.i_label_comp_id_1 
_ndb_struct_na_base_pair_step.i_label_seq_id_1 
_ndb_struct_na_base_pair_step.i_symmetry_1 
_ndb_struct_na_base_pair_step.j_label_asym_id_1 
_ndb_struct_na_base_pair_step.j_label_comp_id_1 
_ndb_struct_na_base_pair_step.j_label_seq_id_1 
_ndb_struct_na_base_pair_step.j_symmetry_1 
_ndb_struct_na_base_pair_step.i_label_asym_id_2 
_ndb_struct_na_base_pair_step.i_label_comp_id_2 
_ndb_struct_na_base_pair_step.i_label_seq_id_2 
_ndb_struct_na_base_pair_step.i_symmetry_2 
_ndb_struct_na_base_pair_step.j_label_asym_id_2 
_ndb_struct_na_base_pair_step.j_label_comp_id_2 
_ndb_struct_na_base_pair_step.j_label_seq_id_2 
_ndb_struct_na_base_pair_step.j_symmetry_2 
_ndb_struct_na_base_pair_step.shift 
_ndb_struct_na_base_pair_step.slide 
_ndb_struct_na_base_pair_step.rise 
_ndb_struct_na_base_pair_step.tilt 
_ndb_struct_na_base_pair_step.roll 
_ndb_struct_na_base_pair_step.twist 
_ndb_struct_na_base_pair_step.x_displacement 
_ndb_struct_na_base_pair_step.y_displacement 
_ndb_struct_na_base_pair_step.helical_rise 
_ndb_struct_na_base_pair_step.inclination 
_ndb_struct_na_base_pair_step.tip 
_ndb_struct_na_base_pair_step.helical_twist 
_ndb_struct_na_base_pair_step.step_number 
_ndb_struct_na_base_pair_step.step_name 
_ndb_struct_na_base_pair_step.i_auth_asym_id_1 
_ndb_struct_na_base_pair_step.i_auth_seq_id_1 
_ndb_struct_na_base_pair_step.i_PDB_ins_code_1 
_ndb_struct_na_base_pair_step.j_auth_asym_id_1 
_ndb_struct_na_base_pair_step.j_auth_seq_id_1 
_ndb_struct_na_base_pair_step.j_PDB_ins_code_1 
_ndb_struct_na_base_pair_step.i_auth_asym_id_2 
_ndb_struct_na_base_pair_step.i_auth_seq_id_2 
_ndb_struct_na_base_pair_step.i_PDB_ins_code_2 
_ndb_struct_na_base_pair_step.j_auth_asym_id_2 
_ndb_struct_na_base_pair_step.j_auth_seq_id_2 
_ndb_struct_na_base_pair_step.j_PDB_ins_code_2 
1 A DG 1  1_555 B DC 11 1_555 A DG 2  1_555 B DC 10 1_555 -0.043 -1.083 3.247 0.141  -9.995 35.325 -0.298 0.088  3.418 -16.078 
-0.227 36.669 1  AA_DG1DG2:DC21DC22_BB   A 1  ? B 22 ? A 2  ? B 21 ? 
1 A DG 2  1_555 B DC 10 1_555 A DC 3  1_555 B DG 9  1_555 0.461  -0.390 2.926 -1.587 12.598 34.421 -2.132 -0.924 2.606 20.447  
2.575  36.622 2  AA_DG2DC3:DG20DC21_BB   A 2  ? B 21 ? A 3  ? B 20 ? 
1 A DC 3  1_555 B DG 9  1_555 A DA 4  1_555 B DT 8  1_555 -0.374 -0.631 2.982 -3.863 4.397  36.783 -1.517 0.121  2.913 6.914   
6.074  37.230 3  AA_DC3DA4:DT19DG20_BB   A 3  ? B 20 ? A 4  ? B 19 ? 
1 A DA 4  1_555 B DT 8  1_555 A DG 5  1_555 B DC 7  1_555 -0.252 -0.787 3.385 0.537  -3.821 32.370 -0.706 0.546  3.449 -6.823  
-0.958 32.593 4  AA_DA4DG5:DC18DT19_BB   A 4  ? B 19 ? A 5  ? B 18 ? 
1 A DG 5  1_555 B DC 7  1_555 A DG 6  1_555 B DC 6  1_555 0.768  -0.774 2.927 -1.863 5.779  35.828 -1.944 -1.459 2.731 9.311   
3.001  36.322 5  AA_DG5DG6:DC17DC18_BB   A 5  ? B 18 ? A 6  ? B 17 ? 
1 A DG 6  1_555 B DC 6  1_555 A DT 7  1_555 B DA 5  1_555 -0.034 -1.134 3.785 1.510  5.923  34.523 -2.888 0.313  3.544 9.885   
-2.520 35.044 6  AA_DG6DT7:DA16DC17_BB   A 6  ? B 17 ? A 7  ? B 16 ? 
1 A DT 7  1_555 B DA 5  1_555 A DG 8  1_555 B DC 4  1_555 -0.326 -0.922 2.774 -0.290 -6.172 36.775 -0.729 0.476  2.888 -9.699  
0.455  37.272 7  AA_DT7DG8:DC15DA16_BB   A 7  ? B 16 ? A 8  ? B 15 ? 
1 A DG 8  1_555 B DC 4  1_555 A DG 9  1_555 B DC 3  1_555 -0.138 -0.783 3.355 4.362  8.287  34.041 -2.518 0.873  3.046 13.833  
-7.281 35.269 8  AA_DG8DG9:DC14DC15_BB   A 8  ? B 15 ? A 9  ? B 14 ? 
1 A DG 9  1_555 B DC 3  1_555 A DT 10 1_555 B DA 2  1_555 -0.034 -0.466 2.633 0.231  8.448  33.132 -1.847 0.088  2.443 14.523  
-0.397 34.163 9  AA_DG9DT10:DA13DC14_BB  A 9  ? B 14 ? A 10 ? B 13 ? 
1 A DT 10 1_555 B DA 2  1_555 A DG 11 1_555 B DC 1  1_555 0.024  -0.639 3.183 -7.044 5.695  32.726 -1.971 -1.124 2.964 9.873   
12.212 33.923 10 AA_DT10DG11:DC12DA13_BB A 10 ? B 13 ? A 11 ? B 12 ? 
# 
_pdbx_nmr_spectrometer.spectrometer_id   1 
_pdbx_nmr_spectrometer.type              ? 
_pdbx_nmr_spectrometer.manufacturer      Bruker 
_pdbx_nmr_spectrometer.model             AMX 
_pdbx_nmr_spectrometer.field_strength    600 
# 
_atom_sites.entry_id                    1MXJ 
_atom_sites.fract_transf_matrix[1][1]   1.000000 
_atom_sites.fract_transf_matrix[1][2]   0.000000 
_atom_sites.fract_transf_matrix[1][3]   0.000000 
_atom_sites.fract_transf_matrix[2][1]   0.000000 
_atom_sites.fract_transf_matrix[2][2]   1.000000 
_atom_sites.fract_transf_matrix[2][3]   0.000000 
_atom_sites.fract_transf_matrix[3][1]   0.000000 
_atom_sites.fract_transf_matrix[3][2]   0.000000 
_atom_sites.fract_transf_matrix[3][3]   1.000000 
_atom_sites.fract_transf_vector[1]      0.00000 
_atom_sites.fract_transf_vector[2]      0.00000 
_atom_sites.fract_transf_vector[3]      0.00000 
# 
loop_
_atom_type.symbol 
C 
H 
N 
O 
P 
# 
loop_
_atom_site.group_PDB 
_atom_site.id 
_atom_site.type_symbol 
_atom_site.label_atom_id 
_atom_site.label_alt_id 
_atom_site.label_comp_id 
_atom_site.label_asym_id 
_atom_site.label_entity_id 
_atom_site.label_seq_id 
_atom_site.pdbx_PDB_ins_code 
_atom_site.Cartn_x 
_atom_site.Cartn_y 
_atom_site.Cartn_z 
_atom_site.occupancy 
_atom_site.B_iso_or_equiv 
_atom_site.pdbx_formal_charge 
_atom_site.auth_seq_id 
_atom_site.auth_comp_id 
_atom_site.auth_asym_id 
_atom_site.auth_atom_id 
_atom_site.pdbx_PDB_model_num 
ATOM   1   O "O5'"  . DG  A 1 1  ? 5.149   -15.364 7.069   1.00 0.86 ? 1  DG  A "O5'"  1 
ATOM   2   C "C5'"  . DG  A 1 1  ? 5.191   -16.527 6.236   1.00 0.90 ? 1  DG  A "C5'"  1 
ATOM   3   C "C4'"  . DG  A 1 1  ? 4.067   -16.515 5.205   1.00 0.83 ? 1  DG  A "C4'"  1 
ATOM   4   O "O4'"  . DG  A 1 1  ? 2.778   -16.464 5.857   1.00 0.78 ? 1  DG  A "O4'"  1 
ATOM   5   C "C3'"  . DG  A 1 1  ? 4.185   -15.297 4.298   1.00 0.78 ? 1  DG  A "C3'"  1 
ATOM   6   O "O3'"  . DG  A 1 1  ? 4.157   -15.682 2.922   1.00 0.80 ? 1  DG  A "O3'"  1 
ATOM   7   C "C2'"  . DG  A 1 1  ? 2.994   -14.440 4.621   1.00 0.69 ? 1  DG  A "C2'"  1 
ATOM   8   C "C1'"  . DG  A 1 1  ? 2.032   -15.326 5.379   1.00 0.69 ? 1  DG  A "C1'"  1 
ATOM   9   N N9     . DG  A 1 1  ? 1.402   -14.588 6.482   1.00 0.64 ? 1  DG  A N9     1 
ATOM   10  C C8     . DG  A 1 1  ? 1.960   -14.016 7.572   1.00 0.66 ? 1  DG  A C8     1 
ATOM   11  N N7     . DG  A 1 1  ? 1.172   -13.413 8.400   1.00 0.63 ? 1  DG  A N7     1 
ATOM   12  C C5     . DG  A 1 1  ? -0.075  -13.602 7.791   1.00 0.56 ? 1  DG  A C5     1 
ATOM   13  C C6     . DG  A 1 1  ? -1.368  -13.178 8.199   1.00 0.51 ? 1  DG  A C6     1 
ATOM   14  O O6     . DG  A 1 1  ? -1.683  -12.538 9.201   1.00 0.51 ? 1  DG  A O6     1 
ATOM   15  N N1     . DG  A 1 1  ? -2.344  -13.579 7.296   1.00 0.47 ? 1  DG  A N1     1 
ATOM   16  C C2     . DG  A 1 1  ? -2.112  -14.298 6.140   1.00 0.50 ? 1  DG  A C2     1 
ATOM   17  N N2     . DG  A 1 1  ? -3.177  -14.591 5.397   1.00 0.51 ? 1  DG  A N2     1 
ATOM   18  N N3     . DG  A 1 1  ? -0.902  -14.700 5.751   1.00 0.55 ? 1  DG  A N3     1 
ATOM   19  C C4     . DG  A 1 1  ? 0.064   -14.321 6.616   1.00 0.57 ? 1  DG  A C4     1 
ATOM   20  H "H5'"  . DG  A 1 1  ? 5.091   -17.415 6.861   1.00 0.95 ? 1  DG  A "H5'"  1 
ATOM   21  H "H5''" . DG  A 1 1  ? 6.150   -16.561 5.719   1.00 0.94 ? 1  DG  A "H5''" 1 
ATOM   22  H "H4'"  . DG  A 1 1  ? 4.126   -17.418 4.601   1.00 0.88 ? 1  DG  A "H4'"  1 
ATOM   23  H "H3'"  . DG  A 1 1  ? 5.106   -14.754 4.522   1.00 0.81 ? 1  DG  A "H3'"  1 
ATOM   24  H "H2'"  . DG  A 1 1  ? 3.298   -13.599 5.244   1.00 0.68 ? 1  DG  A "H2'"  1 
ATOM   25  H "H2''" . DG  A 1 1  ? 2.530   -14.079 3.709   1.00 0.66 ? 1  DG  A "H2''" 1 
ATOM   26  H "H1'"  . DG  A 1 1  ? 1.255   -15.672 4.697   1.00 0.68 ? 1  DG  A "H1'"  1 
ATOM   27  H H8     . DG  A 1 1  ? 3.035   -14.060 7.740   1.00 0.73 ? 1  DG  A H8     1 
ATOM   28  H H1     . DG  A 1 1  ? -3.291  -13.311 7.520   1.00 0.45 ? 1  DG  A H1     1 
ATOM   29  H H21    . DG  A 1 1  ? -4.096  -14.287 5.688   1.00 0.49 ? 1  DG  A H21    1 
ATOM   30  H H22    . DG  A 1 1  ? -3.066  -15.115 4.540   1.00 0.54 ? 1  DG  A H22    1 
ATOM   31  H "HO5'" . DG  A 1 1  ? 4.225   -15.124 7.180   1.00 0.85 ? 1  DG  A "HO5'" 1 
ATOM   32  P P      . DG  A 1 2  ? 3.857   -14.588 1.778   1.00 0.78 ? 2  DG  A P      1 
ATOM   33  O OP1    . DG  A 1 2  ? 4.229   -15.174 0.470   1.00 0.85 ? 2  DG  A OP1    1 
ATOM   34  O OP2    . DG  A 1 2  ? 4.452   -13.301 2.204   1.00 0.77 ? 2  DG  A OP2    1 
ATOM   35  O "O5'"  . DG  A 1 2  ? 2.252   -14.443 1.828   1.00 0.70 ? 2  DG  A "O5'"  1 
ATOM   36  C "C5'"  . DG  A 1 2  ? 1.404   -15.596 1.773   1.00 0.70 ? 2  DG  A "C5'"  1 
ATOM   37  C "C4'"  . DG  A 1 2  ? -0.052  -15.208 1.516   1.00 0.63 ? 2  DG  A "C4'"  1 
ATOM   38  O "O4'"  . DG  A 1 2  ? -0.669  -14.673 2.724   1.00 0.57 ? 2  DG  A "O4'"  1 
ATOM   39  C "C3'"  . DG  A 1 2  ? -0.133  -14.117 0.448   1.00 0.63 ? 2  DG  A "C3'"  1 
ATOM   40  O "O3'"  . DG  A 1 2  ? -1.170  -14.394 -0.501  1.00 0.63 ? 2  DG  A "O3'"  1 
ATOM   41  C "C2'"  . DG  A 1 2  ? -0.434  -12.877 1.236   1.00 0.56 ? 2  DG  A "C2'"  1 
ATOM   42  C "C1'"  . DG  A 1 2  ? -1.230  -13.378 2.417   1.00 0.51 ? 2  DG  A "C1'"  1 
ATOM   43  N N9     . DG  A 1 2  ? -1.103  -12.463 3.570   1.00 0.46 ? 2  DG  A N9     1 
ATOM   44  C C8     . DG  A 1 2  ? 0.017   -12.012 4.186   1.00 0.48 ? 2  DG  A C8     1 
ATOM   45  N N7     . DG  A 1 2  ? -0.131  -11.211 5.187   1.00 0.43 ? 2  DG  A N7     1 
ATOM   46  C C5     . DG  A 1 2  ? -1.521  -11.101 5.265   1.00 0.38 ? 2  DG  A C5     1 
ATOM   47  C C6     . DG  A 1 2  ? -2.321  -10.355 6.168   1.00 0.33 ? 2  DG  A C6     1 
ATOM   48  O O6     . DG  A 1 2  ? -1.954  -9.633  7.091   1.00 0.31 ? 2  DG  A O6     1 
ATOM   49  N N1     . DG  A 1 2  ? -3.675  -10.515 5.908   1.00 0.32 ? 2  DG  A N1     1 
ATOM   50  C C2     . DG  A 1 2  ? -4.205  -11.296 4.902   1.00 0.35 ? 2  DG  A C2     1 
ATOM   51  N N2     . DG  A 1 2  ? -5.538  -11.318 4.818   1.00 0.36 ? 2  DG  A N2     1 
ATOM   52  N N3     . DG  A 1 2  ? -3.459  -12.006 4.042   1.00 0.38 ? 2  DG  A N3     1 
ATOM   53  C C4     . DG  A 1 2  ? -2.130  -11.864 4.278   1.00 0.40 ? 2  DG  A C4     1 
ATOM   54  H "H5'"  . DG  A 1 2  ? 1.468   -16.130 2.721   1.00 0.71 ? 2  DG  A "H5'"  1 
ATOM   55  H "H5''" . DG  A 1 2  ? 1.745   -16.250 0.971   1.00 0.75 ? 2  DG  A "H5''" 1 
ATOM   56  H "H4'"  . DG  A 1 2  ? -0.606  -16.087 1.184   1.00 0.65 ? 2  DG  A "H4'"  1 
ATOM   57  H "H3'"  . DG  A 1 2  ? 0.832   -14.015 -0.054  1.00 0.68 ? 2  DG  A "H3'"  1 
ATOM   58  H "H2'"  . DG  A 1 2  ? 0.489   -12.404 1.570   1.00 0.58 ? 2  DG  A "H2'"  1 
ATOM   59  H "H2''" . DG  A 1 2  ? -1.026  -12.185 0.641   1.00 0.55 ? 2  DG  A "H2''" 1 
ATOM   60  H "H1'"  . DG  A 1 2  ? -2.281  -13.477 2.139   1.00 0.49 ? 2  DG  A "H1'"  1 
ATOM   61  H H8     . DG  A 1 2  ? 1.008   -12.318 3.850   1.00 0.54 ? 2  DG  A H8     1 
ATOM   62  H H1     . DG  A 1 2  ? -4.305  -10.011 6.516   1.00 0.30 ? 2  DG  A H1     1 
ATOM   63  H H21    . DG  A 1 2  ? -6.094  -10.781 5.469   1.00 0.36 ? 2  DG  A H21    1 
ATOM   64  H H22    . DG  A 1 2  ? -5.990  -11.869 4.104   1.00 0.39 ? 2  DG  A H22    1 
ATOM   65  P P      . DC  A 1 3  ? -1.442  -13.391 -1.732  1.00 0.65 ? 3  DC  A P      1 
ATOM   66  O OP1    . DC  A 1 3  ? -1.842  -14.197 -2.907  1.00 0.71 ? 3  DC  A OP1    1 
ATOM   67  O OP2    . DC  A 1 3  ? -0.297  -12.458 -1.831  1.00 0.68 ? 3  DC  A OP2    1 
ATOM   68  O "O5'"  . DC  A 1 3  ? -2.728  -12.560 -1.231  1.00 0.59 ? 3  DC  A "O5'"  1 
ATOM   69  C "C5'"  . DC  A 1 3  ? -4.042  -13.110 -1.356  1.00 0.57 ? 3  DC  A "C5'"  1 
ATOM   70  C "C4'"  . DC  A 1 3  ? -5.102  -12.159 -0.807  1.00 0.54 ? 3  DC  A "C4'"  1 
ATOM   71  O "O4'"  . DC  A 1 3  ? -4.774  -11.751 0.550   1.00 0.48 ? 3  DC  A "O4'"  1 
ATOM   72  C "C3'"  . DC  A 1 3  ? -5.183  -10.891 -1.656  1.00 0.57 ? 3  DC  A "C3'"  1 
ATOM   73  O "O3'"  . DC  A 1 3  ? -6.549  -10.544 -1.917  1.00 0.59 ? 3  DC  A "O3'"  1 
ATOM   74  C "C2'"  . DC  A 1 3  ? -4.513  -9.844  -0.788  1.00 0.53 ? 3  DC  A "C2'"  1 
ATOM   75  C "C1'"  . DC  A 1 3  ? -4.807  -10.312 0.617   1.00 0.46 ? 3  DC  A "C1'"  1 
ATOM   76  N N1     . DC  A 1 3  ? -3.799  -9.810  1.569   1.00 0.42 ? 3  DC  A N1     1 
ATOM   77  C C2     . DC  A 1 3  ? -4.236  -8.989  2.594   1.00 0.37 ? 3  DC  A C2     1 
ATOM   78  O O2     . DC  A 1 3  ? -5.426  -8.701  2.685   1.00 0.38 ? 3  DC  A O2     1 
ATOM   79  N N3     . DC  A 1 3  ? -3.316  -8.524  3.486   1.00 0.33 ? 3  DC  A N3     1 
ATOM   80  C C4     . DC  A 1 3  ? -2.021  -8.850  3.371   1.00 0.35 ? 3  DC  A C4     1 
ATOM   81  N N4     . DC  A 1 3  ? -1.146  -8.375  4.259   1.00 0.33 ? 3  DC  A N4     1 
ATOM   82  C C5     . DC  A 1 3  ? -1.568  -9.697  2.312   1.00 0.41 ? 3  DC  A C5     1 
ATOM   83  C C6     . DC  A 1 3  ? -2.486  -10.152 1.438   1.00 0.44 ? 3  DC  A C6     1 
ATOM   84  H "H5'"  . DC  A 1 3  ? -4.088  -14.049 -0.805  1.00 0.56 ? 3  DC  A "H5'"  1 
ATOM   85  H "H5''" . DC  A 1 3  ? -4.248  -13.304 -2.408  1.00 0.62 ? 3  DC  A "H5''" 1 
ATOM   86  H "H4'"  . DC  A 1 3  ? -6.069  -12.658 -0.807  1.00 0.55 ? 3  DC  A "H4'"  1 
ATOM   87  H "H3'"  . DC  A 1 3  ? -4.642  -11.039 -2.603  1.00 0.61 ? 3  DC  A "H3'"  1 
ATOM   88  H "H2'"  . DC  A 1 3  ? -3.428  -9.806  -0.948  1.00 0.54 ? 3  DC  A "H2'"  1 
ATOM   89  H "H2''" . DC  A 1 3  ? -4.959  -8.865  -0.961  1.00 0.55 ? 3  DC  A "H2''" 1 
ATOM   90  H "H1'"  . DC  A 1 3  ? -5.800  -9.978  0.919   1.00 0.46 ? 3  DC  A "H1'"  1 
ATOM   91  H H41    . DC  A 1 3  ? -1.459  -7.776  5.010   1.00 0.29 ? 3  DC  A H41    1 
ATOM   92  H H42    . DC  A 1 3  ? -0.167  -8.616  4.180   1.00 0.37 ? 3  DC  A H42    1 
ATOM   93  H H5     . DC  A 1 3  ? -0.517  -9.963  2.214   1.00 0.45 ? 3  DC  A H5     1 
ATOM   94  H H6     . DC  A 1 3  ? -2.179  -10.802 0.621   1.00 0.49 ? 3  DC  A H6     1 
ATOM   95  P P      . DA  A 1 4  ? -6.910  -9.316  -2.892  1.00 0.65 ? 4  DA  A P      1 
ATOM   96  O OP1    . DA  A 1 4  ? -8.079  -9.704  -3.712  1.00 0.73 ? 4  DA  A OP1    1 
ATOM   97  O OP2    . DA  A 1 4  ? -5.664  -8.864  -3.551  1.00 0.69 ? 4  DA  A OP2    1 
ATOM   98  O "O5'"  . DA  A 1 4  ? -7.377  -8.172  -1.860  1.00 0.59 ? 4  DA  A "O5'"  1 
ATOM   99  C "C5'"  . DA  A 1 4  ? -8.654  -8.245  -1.221  1.00 0.59 ? 4  DA  A "C5'"  1 
ATOM   100 C "C4'"  . DA  A 1 4  ? -8.875  -7.063  -0.284  1.00 0.54 ? 4  DA  A "C4'"  1 
ATOM   101 O "O4'"  . DA  A 1 4  ? -7.853  -7.033  0.752   1.00 0.48 ? 4  DA  A "O4'"  1 
ATOM   102 C "C3'"  . DA  A 1 4  ? -8.783  -5.744  -1.051  1.00 0.56 ? 4  DA  A "C3'"  1 
ATOM   103 O "O3'"  . DA  A 1 4  ? -9.851  -4.858  -0.694  1.00 0.56 ? 4  DA  A "O3'"  1 
ATOM   104 C "C2'"  . DA  A 1 4  ? -7.450  -5.193  -0.640  1.00 0.52 ? 4  DA  A "C2'"  1 
ATOM   105 C "C1'"  . DA  A 1 4  ? -7.254  -5.724  0.761   1.00 0.46 ? 4  DA  A "C1'"  1 
ATOM   106 N N9     . DA  A 1 4  ? -5.823  -5.805  1.107   1.00 0.42 ? 4  DA  A N9     1 
ATOM   107 C C8     . DA  A 1 4  ? -4.819  -6.467  0.479   1.00 0.44 ? 4  DA  A C8     1 
ATOM   108 N N7     . DA  A 1 4  ? -3.636  -6.383  0.991   1.00 0.41 ? 4  DA  A N7     1 
ATOM   109 C C5     . DA  A 1 4  ? -3.869  -5.565  2.102   1.00 0.36 ? 4  DA  A C5     1 
ATOM   110 C C6     . DA  A 1 4  ? -3.029  -5.066  3.103   1.00 0.32 ? 4  DA  A C6     1 
ATOM   111 N N6     . DA  A 1 4  ? -1.722  -5.327  3.155   1.00 0.31 ? 4  DA  A N6     1 
ATOM   112 N N1     . DA  A 1 4  ? -3.586  -4.289  4.048   1.00 0.29 ? 4  DA  A N1     1 
ATOM   113 C C2     . DA  A 1 4  ? -4.893  -4.015  4.014   1.00 0.31 ? 4  DA  A C2     1 
ATOM   114 N N3     . DA  A 1 4  ? -5.777  -4.433  3.114   1.00 0.36 ? 4  DA  A N3     1 
ATOM   115 C C4     . DA  A 1 4  ? -5.197  -5.210  2.179   1.00 0.38 ? 4  DA  A C4     1 
ATOM   116 H "H5'"  . DA  A 1 4  ? -8.714  -9.170  -0.648  1.00 0.57 ? 4  DA  A "H5'"  1 
ATOM   117 H "H5''" . DA  A 1 4  ? -9.434  -8.246  -1.983  1.00 0.64 ? 4  DA  A "H5''" 1 
ATOM   118 H "H4'"  . DA  A 1 4  ? -9.855  -7.145  0.182   1.00 0.55 ? 4  DA  A "H4'"  1 
ATOM   119 H "H3'"  . DA  A 1 4  ? -8.788  -5.940  -2.127  1.00 0.60 ? 4  DA  A "H3'"  1 
ATOM   120 H "H2'"  . DA  A 1 4  ? -6.666  -5.563  -1.301  1.00 0.53 ? 4  DA  A "H2'"  1 
ATOM   121 H "H2''" . DA  A 1 4  ? -7.469  -4.102  -0.643  1.00 0.52 ? 4  DA  A "H2''" 1 
ATOM   122 H "H1'"  . DA  A 1 4  ? -7.774  -5.086  1.479   1.00 0.44 ? 4  DA  A "H1'"  1 
ATOM   123 H H8     . DA  A 1 4  ? -5.004  -7.048  -0.424  1.00 0.48 ? 4  DA  A H8     1 
ATOM   124 H H61    . DA  A 1 4  ? -1.159  -4.943  3.900   1.00 0.28 ? 4  DA  A H61    1 
ATOM   125 H H62    . DA  A 1 4  ? -1.296  -5.910  2.449   1.00 0.34 ? 4  DA  A H62    1 
ATOM   126 H H2     . DA  A 1 4  ? -5.275  -3.378  4.812   1.00 0.31 ? 4  DA  A H2     1 
ATOM   127 P P      . DG  A 1 5  ? -10.041 -3.453  -1.458  1.00 0.58 ? 5  DG  A P      1 
ATOM   128 O OP1    . DG  A 1 5  ? -11.476 -3.294  -1.783  1.00 0.63 ? 5  DG  A OP1    1 
ATOM   129 O OP2    . DG  A 1 5  ? -9.027  -3.371  -2.534  1.00 0.61 ? 5  DG  A OP2    1 
ATOM   130 O "O5'"  . DG  A 1 5  ? -9.660  -2.378  -0.322  1.00 0.53 ? 5  DG  A "O5'"  1 
ATOM   131 C "C5'"  . DG  A 1 5  ? -10.360 -2.354  0.925   1.00 0.51 ? 5  DG  A "C5'"  1 
ATOM   132 C "C4'"  . DG  A 1 5  ? -9.815  -1.271  1.846   1.00 0.46 ? 5  DG  A "C4'"  1 
ATOM   133 O "O4'"  . DG  A 1 5  ? -8.501  -1.644  2.342   1.00 0.43 ? 5  DG  A "O4'"  1 
ATOM   134 C "C3'"  . DG  A 1 5  ? -9.660  0.049   1.092   1.00 0.45 ? 5  DG  A "C3'"  1 
ATOM   135 O "O3'"  . DG  A 1 5  ? -10.151 1.153   1.862   1.00 0.43 ? 5  DG  A "O3'"  1 
ATOM   136 C "C2'"  . DG  A 1 5  ? -8.180  0.154   0.876   1.00 0.43 ? 5  DG  A "C2'"  1 
ATOM   137 C "C1'"  . DG  A 1 5  ? -7.592  -0.564  2.064   1.00 0.40 ? 5  DG  A "C1'"  1 
ATOM   138 N N9     . DG  A 1 5  ? -6.242  -1.075  1.767   1.00 0.39 ? 5  DG  A N9     1 
ATOM   139 C C8     . DG  A 1 5  ? -5.819  -1.847  0.734   1.00 0.42 ? 5  DG  A C8     1 
ATOM   140 N N7     . DG  A 1 5  ? -4.569  -2.165  0.699   1.00 0.40 ? 5  DG  A N7     1 
ATOM   141 C C5     . DG  A 1 5  ? -4.082  -1.533  1.846   1.00 0.36 ? 5  DG  A C5     1 
ATOM   142 C C6     . DG  A 1 5  ? -2.765  -1.501  2.375   1.00 0.33 ? 5  DG  A C6     1 
ATOM   143 O O6     . DG  A 1 5  ? -1.750  -2.031  1.928   1.00 0.33 ? 5  DG  A O6     1 
ATOM   144 N N1     . DG  A 1 5  ? -2.703  -0.755  3.545   1.00 0.30 ? 5  DG  A N1     1 
ATOM   145 C C2     . DG  A 1 5  ? -3.773  -0.115  4.139   1.00 0.30 ? 5  DG  A C2     1 
ATOM   146 N N2     . DG  A 1 5  ? -3.513  0.554   5.262   1.00 0.28 ? 5  DG  A N2     1 
ATOM   147 N N3     . DG  A 1 5  ? -5.016  -0.141  3.648   1.00 0.32 ? 5  DG  A N3     1 
ATOM   148 C C4     . DG  A 1 5  ? -5.101  -0.863  2.506   1.00 0.35 ? 5  DG  A C4     1 
ATOM   149 H "H5'"  . DG  A 1 5  ? -10.248 -3.320  1.413   1.00 0.51 ? 5  DG  A "H5'"  1 
ATOM   150 H "H5''" . DG  A 1 5  ? -11.418 -2.168  0.738   1.00 0.55 ? 5  DG  A "H5''" 1 
ATOM   151 H "H4'"  . DG  A 1 5  ? -10.492 -1.133  2.688   1.00 0.46 ? 5  DG  A "H4'"  1 
ATOM   152 H "H3'"  . DG  A 1 5  ? -10.174 -0.008  0.129   1.00 0.49 ? 5  DG  A "H3'"  1 
ATOM   153 H "H2'"  . DG  A 1 5  ? -7.894  -0.343  -0.052  1.00 0.45 ? 5  DG  A "H2'"  1 
ATOM   154 H "H2''" . DG  A 1 5  ? -7.868  1.198   0.865   1.00 0.42 ? 5  DG  A "H2''" 1 
ATOM   155 H "H1'"  . DG  A 1 5  ? -7.552  0.110   2.918   1.00 0.38 ? 5  DG  A "H1'"  1 
ATOM   156 H H8     . DG  A 1 5  ? -6.510  -2.186  -0.036  1.00 0.45 ? 5  DG  A H8     1 
ATOM   157 H H1     . DG  A 1 5  ? -1.793  -0.689  3.976   1.00 0.29 ? 5  DG  A H1     1 
ATOM   158 H H21    . DG  A 1 5  ? -2.573  0.572   5.632   1.00 0.27 ? 5  DG  A H21    1 
ATOM   159 H H22    . DG  A 1 5  ? -4.254  1.042   5.742   1.00 0.28 ? 5  DG  A H22    1 
ATOM   160 P P      . DG  A 1 6  ? -9.798  2.664   1.435   1.00 0.43 ? 6  DG  A P      1 
ATOM   161 O OP1    . DG  A 1 6  ? -10.855 3.554   1.965   1.00 0.43 ? 6  DG  A OP1    1 
ATOM   162 O OP2    . DG  A 1 6  ? -9.484  2.674   -0.011  1.00 0.47 ? 6  DG  A OP2    1 
ATOM   163 O "O5'"  . DG  A 1 6  ? -8.439  2.951   2.249   1.00 0.39 ? 6  DG  A "O5'"  1 
ATOM   164 C "C5'"  . DG  A 1 6  ? -8.476  3.602   3.523   1.00 0.35 ? 6  DG  A "C5'"  1 
ATOM   165 C "C4'"  . DG  A 1 6  ? -7.131  4.214   3.874   1.00 0.31 ? 6  DG  A "C4'"  1 
ATOM   166 O "O4'"  . DG  A 1 6  ? -6.063  3.246   3.692   1.00 0.31 ? 6  DG  A "O4'"  1 
ATOM   167 C "C3'"  . DG  A 1 6  ? -6.832  5.400   2.959   1.00 0.33 ? 6  DG  A "C3'"  1 
ATOM   168 O "O3'"  . DG  A 1 6  ? -6.354  6.530   3.699   1.00 0.31 ? 6  DG  A "O3'"  1 
ATOM   169 C "C2'"  . DG  A 1 6  ? -5.778  4.874   2.038   1.00 0.34 ? 6  DG  A "C2'"  1 
ATOM   170 C "C1'"  . DG  A 1 6  ? -5.049  3.853   2.874   1.00 0.31 ? 6  DG  A "C1'"  1 
ATOM   171 N N9     . DG  A 1 6  ? -4.364  2.860   2.025   1.00 0.32 ? 6  DG  A N9     1 
ATOM   172 C C8     . DG  A 1 6  ? -4.841  2.146   0.975   1.00 0.35 ? 6  DG  A C8     1 
ATOM   173 N N7     . DG  A 1 6  ? -4.019  1.363   0.360   1.00 0.36 ? 6  DG  A N7     1 
ATOM   174 C C5     . DG  A 1 6  ? -2.838  1.566   1.080   1.00 0.33 ? 6  DG  A C5     1 
ATOM   175 C C6     . DG  A 1 6  ? -1.553  0.989   0.900   1.00 0.33 ? 6  DG  A C6     1 
ATOM   176 O O6     . DG  A 1 6  ? -1.190  0.169   0.056   1.00 0.34 ? 6  DG  A O6     1 
ATOM   177 N N1     . DG  A 1 6  ? -0.649  1.464   1.836   1.00 0.31 ? 6  DG  A N1     1 
ATOM   178 C C2     . DG  A 1 6  ? -0.933  2.379   2.831   1.00 0.29 ? 6  DG  A C2     1 
ATOM   179 N N2     . DG  A 1 6  ? 0.081   2.669   3.644   1.00 0.28 ? 6  DG  A N2     1 
ATOM   180 N N3     . DG  A 1 6  ? -2.138  2.931   3.011   1.00 0.29 ? 6  DG  A N3     1 
ATOM   181 C C4     . DG  A 1 6  ? -3.042  2.482   2.105   1.00 0.31 ? 6  DG  A C4     1 
ATOM   182 H "H5'"  . DG  A 1 6  ? -8.751  2.877   4.288   1.00 0.34 ? 6  DG  A "H5'"  1 
ATOM   183 H "H5''" . DG  A 1 6  ? -9.218  4.393   3.496   1.00 0.36 ? 6  DG  A "H5''" 1 
ATOM   184 H "H4'"  . DG  A 1 6  ? -7.142  4.548   4.911   1.00 0.29 ? 6  DG  A "H4'"  1 
ATOM   185 H "H3'"  . DG  A 1 6  ? -7.726  5.665   2.389   1.00 0.35 ? 6  DG  A "H3'"  1 
ATOM   186 H "H2'"  . DG  A 1 6  ? -6.233  4.402   1.167   1.00 0.37 ? 6  DG  A "H2'"  1 
ATOM   187 H "H2''" . DG  A 1 6  ? -5.103  5.673   1.733   1.00 0.34 ? 6  DG  A "H2''" 1 
ATOM   188 H "H1'"  . DG  A 1 6  ? -4.328  4.357   3.510   1.00 0.29 ? 6  DG  A "H1'"  1 
ATOM   189 H H8     . DG  A 1 6  ? -5.884  2.224   0.667   1.00 0.37 ? 6  DG  A H8     1 
ATOM   190 H H1     . DG  A 1 6  ? 0.289   1.097   1.766   1.00 0.31 ? 6  DG  A H1     1 
ATOM   191 H H21    . DG  A 1 6  ? 0.972   2.229   3.467   1.00 0.29 ? 6  DG  A H21    1 
ATOM   192 P P      . DT  A 1 7  ? -5.755  7.811   2.928   1.00 0.34 ? 7  DT  A P      1 
ATOM   193 O OP1    . DT  A 1 7  ? -6.056  9.018   3.731   1.00 0.36 ? 7  DT  A OP1    1 
ATOM   194 O OP2    . DT  A 1 7  ? -6.182  7.743   1.513   1.00 0.37 ? 7  DT  A OP2    1 
ATOM   195 O "O5'"  . DT  A 1 7  ? -4.167  7.551   2.987   1.00 0.32 ? 7  DT  A "O5'"  1 
ATOM   196 C "C5'"  . DT  A 1 7  ? -3.436  7.805   4.189   1.00 0.31 ? 7  DT  A "C5'"  1 
ATOM   197 C "C4'"  . DT  A 1 7  ? -1.929  7.722   3.966   1.00 0.30 ? 7  DT  A "C4'"  1 
ATOM   198 O "O4'"  . DT  A 1 7  ? -1.571  6.515   3.236   1.00 0.29 ? 7  DT  A "O4'"  1 
ATOM   199 C "C3'"  . DT  A 1 7  ? -1.431  8.910   3.143   1.00 0.31 ? 7  DT  A "C3'"  1 
ATOM   200 O "O3'"  . DT  A 1 7  ? -0.272  9.501   3.738   1.00 0.31 ? 7  DT  A "O3'"  1 
ATOM   201 C "C2'"  . DT  A 1 7  ? -1.114  8.310   1.803   1.00 0.31 ? 7  DT  A "C2'"  1 
ATOM   202 C "C1'"  . DT  A 1 7  ? -0.720  6.890   2.135   1.00 0.29 ? 7  DT  A "C1'"  1 
ATOM   203 N N1     . DT  A 1 7  ? -0.897  5.968   0.991   1.00 0.29 ? 7  DT  A N1     1 
ATOM   204 C C2     . DT  A 1 7  ? 0.224   5.280   0.571   1.00 0.29 ? 7  DT  A C2     1 
ATOM   205 O O2     . DT  A 1 7  ? 1.319   5.423   1.109   1.00 0.30 ? 7  DT  A O2     1 
ATOM   206 N N3     . DT  A 1 7  ? 0.044   4.406   -0.483  1.00 0.29 ? 7  DT  A N3     1 
ATOM   207 C C4     . DT  A 1 7  ? -1.144  4.159   -1.145  1.00 0.30 ? 7  DT  A C4     1 
ATOM   208 O O4     . DT  A 1 7  ? -1.183  3.369   -2.084  1.00 0.30 ? 7  DT  A O4     1 
ATOM   209 C C5     . DT  A 1 7  ? -2.268  4.916   -0.640  1.00 0.31 ? 7  DT  A C5     1 
ATOM   210 C C7     . DT  A 1 7  ? -3.636  4.747   -1.303  1.00 0.34 ? 7  DT  A C7     1 
ATOM   211 C C6     . DT  A 1 7  ? -2.117  5.783   0.389   1.00 0.31 ? 7  DT  A C6     1 
ATOM   212 H "H5'"  . DT  A 1 7  ? -3.724  7.070   4.941   1.00 0.30 ? 7  DT  A "H5'"  1 
ATOM   213 H "H5''" . DT  A 1 7  ? -3.687  8.802   4.551   1.00 0.32 ? 7  DT  A "H5''" 1 
ATOM   214 H "H4'"  . DT  A 1 7  ? -1.422  7.717   4.930   1.00 0.29 ? 7  DT  A "H4'"  1 
ATOM   215 H "H3'"  . DT  A 1 7  ? -2.228  9.649   3.039   1.00 0.32 ? 7  DT  A "H3'"  1 
ATOM   216 H "H2'"  . DT  A 1 7  ? -1.991  8.332   1.162   1.00 0.31 ? 7  DT  A "H2'"  1 
ATOM   217 H "H2''" . DT  A 1 7  ? -0.283  8.837   1.335   1.00 0.31 ? 7  DT  A "H2''" 1 
ATOM   218 H "H1'"  . DT  A 1 7  ? 0.323   6.873   2.456   1.00 0.29 ? 7  DT  A "H1'"  1 
ATOM   219 H H3     . DT  A 1 7  ? 0.857   3.897   -0.799  1.00 0.30 ? 7  DT  A H3     1 
ATOM   220 H H71    . DT  A 1 7  ? -3.686  5.283   -1.901  1.00 0.96 ? 7  DT  A H71    1 
ATOM   221 H H72    . DT  A 1 7  ? -4.447  5.069   -0.718  1.00 0.95 ? 7  DT  A H72    1 
ATOM   222 H H73    . DT  A 1 7  ? -3.740  3.863   -1.866  1.00 0.90 ? 7  DT  A H73    1 
ATOM   223 H H6     . DT  A 1 7  ? -2.977  6.353   0.741   1.00 0.32 ? 7  DT  A H6     1 
ATOM   224 P P      . DG  A 1 8  ? 0.490   10.717  3.011   1.00 0.32 ? 8  DG  A P      1 
ATOM   225 O OP1    . DG  A 1 8  ? 0.839   11.726  4.036   1.00 0.37 ? 8  DG  A OP1    1 
ATOM   226 O OP2    . DG  A 1 8  ? -0.302  11.114  1.825   1.00 0.35 ? 8  DG  A OP2    1 
ATOM   227 O "O5'"  . DG  A 1 8  ? 1.849   10.025  2.499   1.00 0.30 ? 8  DG  A "O5'"  1 
ATOM   228 C "C5'"  . DG  A 1 8  ? 2.791   9.484   3.432   1.00 0.33 ? 8  DG  A "C5'"  1 
ATOM   229 C "C4'"  . DG  A 1 8  ? 4.072   9.049   2.729   1.00 0.29 ? 8  DG  A "C4'"  1 
ATOM   230 O "O4'"  . DG  A 1 8  ? 3.818   7.907   1.864   1.00 0.28 ? 8  DG  A "O4'"  1 
ATOM   231 C "C3'"  . DG  A 1 8  ? 4.600   10.179  1.847   1.00 0.25 ? 8  DG  A "C3'"  1 
ATOM   232 O "O3'"  . DG  A 1 8  ? 6.017   10.324  1.993   1.00 0.27 ? 8  DG  A "O3'"  1 
ATOM   233 C "C2'"  . DG  A 1 8  ? 4.225   9.738   0.464   1.00 0.22 ? 8  DG  A "C2'"  1 
ATOM   234 C "C1'"  . DG  A 1 8  ? 4.270   8.233   0.537   1.00 0.23 ? 8  DG  A "C1'"  1 
ATOM   235 N N9     . DG  A 1 8  ? 3.387   7.641   -0.478  1.00 0.23 ? 8  DG  A N9     1 
ATOM   236 C C8     . DG  A 1 8  ? 2.115   7.967   -0.788  1.00 0.23 ? 8  DG  A C8     1 
ATOM   237 N N7     . DG  A 1 8  ? 1.534   7.299   -1.727  1.00 0.24 ? 8  DG  A N7     1 
ATOM   238 C C5     . DG  A 1 8  ? 2.541   6.404   -2.100  1.00 0.24 ? 8  DG  A C5     1 
ATOM   239 C C6     . DG  A 1 8  ? 2.533   5.388   -3.092  1.00 0.26 ? 8  DG  A C6     1 
ATOM   240 O O6     . DG  A 1 8  ? 1.619   5.068   -3.851  1.00 0.29 ? 8  DG  A O6     1 
ATOM   241 N N1     . DG  A 1 8  ? 3.748   4.719   -3.146  1.00 0.25 ? 8  DG  A N1     1 
ATOM   242 C C2     . DG  A 1 8  ? 4.841   4.986   -2.345  1.00 0.23 ? 8  DG  A C2     1 
ATOM   243 N N2     . DG  A 1 8  ? 5.921   4.232   -2.548  1.00 0.24 ? 8  DG  A N2     1 
ATOM   244 N N3     . DG  A 1 8  ? 4.858   5.940   -1.409  1.00 0.22 ? 8  DG  A N3     1 
ATOM   245 C C4     . DG  A 1 8  ? 3.683   6.608   -1.338  1.00 0.23 ? 8  DG  A C4     1 
ATOM   246 H "H5'"  . DG  A 1 8  ? 2.345   8.623   3.929   1.00 0.36 ? 8  DG  A "H5'"  1 
ATOM   247 H "H5''" . DG  A 1 8  ? 3.030   10.242  4.176   1.00 0.35 ? 8  DG  A "H5''" 1 
ATOM   248 H "H4'"  . DG  A 1 8  ? 4.823   8.782   3.471   1.00 0.33 ? 8  DG  A "H4'"  1 
ATOM   249 H "H3'"  . DG  A 1 8  ? 4.088   11.113  2.091   1.00 0.25 ? 8  DG  A "H3'"  1 
ATOM   250 H "H2'"  . DG  A 1 8  ? 3.217   10.074  0.219   1.00 0.22 ? 8  DG  A "H2'"  1 
ATOM   251 H "H2''" . DG  A 1 8  ? 4.935   10.105  -0.268  1.00 0.20 ? 8  DG  A "H2''" 1 
ATOM   252 H "H1'"  . DG  A 1 8  ? 5.292   7.885   0.390   1.00 0.24 ? 8  DG  A "H1'"  1 
ATOM   253 H H8     . DG  A 1 8  ? 1.603   8.772   -0.261  1.00 0.24 ? 8  DG  A H8     1 
ATOM   254 H H1     . DG  A 1 8  ? 3.814   3.980   -3.832  1.00 0.27 ? 8  DG  A H1     1 
ATOM   255 H H21    . DG  A 1 8  ? 5.908   3.512   -3.256  1.00 0.25 ? 8  DG  A H21    1 
ATOM   256 H H22    . DG  A 1 8  ? 6.752   4.380   -1.993  1.00 0.24 ? 8  DG  A H22    1 
ATOM   257 P P      . DG  A 1 9  ? 6.881   11.133  0.903   1.00 0.28 ? 9  DG  A P      1 
ATOM   258 O OP1    . DG  A 1 9  ? 8.096   11.654  1.568   1.00 0.33 ? 9  DG  A OP1    1 
ATOM   259 O OP2    . DG  A 1 9  ? 5.975   12.060  0.189   1.00 0.25 ? 9  DG  A OP2    1 
ATOM   260 O "O5'"  . DG  A 1 9  ? 7.324   9.972   -0.121  1.00 0.28 ? 9  DG  A "O5'"  1 
ATOM   261 C "C5'"  . DG  A 1 9  ? 8.573   9.293   0.038   1.00 0.32 ? 9  DG  A "C5'"  1 
ATOM   262 C "C4'"  . DG  A 1 9  ? 9.120   8.830   -1.307  1.00 0.31 ? 9  DG  A "C4'"  1 
ATOM   263 O "O4'"  . DG  A 1 9  ? 8.141   8.016   -2.009  1.00 0.28 ? 9  DG  A "O4'"  1 
ATOM   264 C "C3'"  . DG  A 1 9  ? 9.446   10.022  -2.193  1.00 0.32 ? 9  DG  A "C3'"  1 
ATOM   265 O "O3'"  . DG  A 1 9  ? 10.727  9.872   -2.813  1.00 0.39 ? 9  DG  A "O3'"  1 
ATOM   266 C "C2'"  . DG  A 1 9  ? 8.347   10.009  -3.199  1.00 0.27 ? 9  DG  A "C2'"  1 
ATOM   267 C "C1'"  . DG  A 1 9  ? 7.978   8.556   -3.329  1.00 0.25 ? 9  DG  A "C1'"  1 
ATOM   268 N N9     . DG  A 1 9  ? 6.589   8.424   -3.793  1.00 0.20 ? 9  DG  A N9     1 
ATOM   269 C C8     . DG  A 1 9  ? 5.507   9.148   -3.436  1.00 0.19 ? 9  DG  A C8     1 
ATOM   270 N N7     . DG  A 1 9  ? 4.378   8.850   -3.985  1.00 0.19 ? 9  DG  A N7     1 
ATOM   271 C C5     . DG  A 1 9  ? 4.741   7.789   -4.821  1.00 0.20 ? 9  DG  A C5     1 
ATOM   272 C C6     . DG  A 1 9  ? 3.945   7.013   -5.704  1.00 0.24 ? 9  DG  A C6     1 
ATOM   273 O O6     . DG  A 1 9  ? 2.739   7.107   -5.927  1.00 0.27 ? 9  DG  A O6     1 
ATOM   274 N N1     . DG  A 1 9  ? 4.700   6.049   -6.356  1.00 0.26 ? 9  DG  A N1     1 
ATOM   275 C C2     . DG  A 1 9  ? 6.056   5.848   -6.185  1.00 0.26 ? 9  DG  A C2     1 
ATOM   276 N N2     . DG  A 1 9  ? 6.603   4.868   -6.904  1.00 0.30 ? 9  DG  A N2     1 
ATOM   277 N N3     . DG  A 1 9  ? 6.813   6.574   -5.356  1.00 0.24 ? 9  DG  A N3     1 
ATOM   278 C C4     . DG  A 1 9  ? 6.098   7.522   -4.709  1.00 0.21 ? 9  DG  A C4     1 
ATOM   279 H "H5'"  . DG  A 1 9  ? 8.427   8.425   0.682   1.00 0.34 ? 9  DG  A "H5'"  1 
ATOM   280 H "H5''" . DG  A 1 9  ? 9.291   9.967   0.505   1.00 0.36 ? 9  DG  A "H5''" 1 
ATOM   281 H "H4'"  . DG  A 1 9  ? 10.022  8.252   -1.161  1.00 0.36 ? 9  DG  A "H4'"  1 
ATOM   282 H "H3'"  . DG  A 1 9  ? 9.407   10.945  -1.609  1.00 0.34 ? 9  DG  A "H3'"  1 
ATOM   283 H "H2'"  . DG  A 1 9  ? 7.497   10.592  -2.848  1.00 0.25 ? 9  DG  A "H2'"  1 
ATOM   284 H "H2''" . DG  A 1 9  ? 8.704   10.386  -4.141  1.00 0.30 ? 9  DG  A "H2''" 1 
ATOM   285 H "H1'"  . DG  A 1 9  ? 8.652   8.058   -4.024  1.00 0.28 ? 9  DG  A "H1'"  1 
ATOM   286 H H8     . DG  A 1 9  ? 5.592   9.957   -2.712  1.00 0.19 ? 9  DG  A H8     1 
ATOM   287 H H1     . DG  A 1 9  ? 4.197   5.458   -7.003  1.00 0.30 ? 9  DG  A H1     1 
ATOM   288 H H21    . DG  A 1 9  ? 6.031   4.321   -7.531  1.00 0.33 ? 9  DG  A H21    1 
ATOM   289 H H22    . DG  A 1 9  ? 7.591   4.674   -6.824  1.00 0.32 ? 9  DG  A H22    1 
ATOM   290 P P      . DT  A 1 10 ? 11.352  11.052  -3.710  1.00 0.46 ? 10 DT  A P      1 
ATOM   291 O OP1    . DT  A 1 10 ? 12.684  11.394  -3.164  1.00 0.53 ? 10 DT  A OP1    1 
ATOM   292 O OP2    . DT  A 1 10 ? 10.326  12.108  -3.870  1.00 0.46 ? 10 DT  A OP2    1 
ATOM   293 O "O5'"  . DT  A 1 10 ? 11.559  10.333  -5.135  1.00 0.47 ? 10 DT  A "O5'"  1 
ATOM   294 C "C5'"  . DT  A 1 10 ? 11.715  8.913   -5.217  1.00 0.50 ? 10 DT  A "C5'"  1 
ATOM   295 C "C4'"  . DT  A 1 10 ? 11.341  8.389   -6.601  1.00 0.55 ? 10 DT  A "C4'"  1 
ATOM   296 O "O4'"  . DT  A 1 10 ? 9.934   8.013   -6.653  1.00 0.47 ? 10 DT  A "O4'"  1 
ATOM   297 C "C3'"  . DT  A 1 10 ? 11.558  9.463   -7.667  1.00 0.63 ? 10 DT  A "C3'"  1 
ATOM   298 O "O3'"  . DT  A 1 10 ? 12.250  8.931   -8.802  1.00 0.76 ? 10 DT  A "O3'"  1 
ATOM   299 C "C2'"  . DT  A 1 10 ? 10.165  9.892   -8.027  1.00 0.57 ? 10 DT  A "C2'"  1 
ATOM   300 C "C1'"  . DT  A 1 10 ? 9.337   8.653   -7.798  1.00 0.49 ? 10 DT  A "C1'"  1 
ATOM   301 N N1     . DT  A 1 10 ? 7.922   8.993   -7.546  1.00 0.39 ? 10 DT  A N1     1 
ATOM   302 C C2     . DT  A 1 10 ? 6.961   8.200   -8.144  1.00 0.40 ? 10 DT  A C2     1 
ATOM   303 O O2     . DT  A 1 10 ? 7.253   7.243   -8.858  1.00 0.49 ? 10 DT  A O2     1 
ATOM   304 N N3     . DT  A 1 10 ? 5.647   8.541   -7.885  1.00 0.33 ? 10 DT  A N3     1 
ATOM   305 C C4     . DT  A 1 10 ? 5.219   9.590   -7.091  1.00 0.27 ? 10 DT  A C4     1 
ATOM   306 O O4     . DT  A 1 10 ? 4.021   9.814   -6.942  1.00 0.27 ? 10 DT  A O4     1 
ATOM   307 C C5     . DT  A 1 10 ? 6.292   10.359  -6.505  1.00 0.28 ? 10 DT  A C5     1 
ATOM   308 C C7     . DT  A 1 10 ? 5.961   11.558  -5.623  1.00 0.30 ? 10 DT  A C7     1 
ATOM   309 C C6     . DT  A 1 10 ? 7.582   10.050  -6.745  1.00 0.33 ? 10 DT  A C6     1 
ATOM   310 H "H5'"  . DT  A 1 10 ? 11.072  8.442   -4.473  1.00 0.46 ? 10 DT  A "H5'"  1 
ATOM   311 H "H5''" . DT  A 1 10 ? 12.753  8.655   -5.004  1.00 0.57 ? 10 DT  A "H5''" 1 
ATOM   312 H "H4'"  . DT  A 1 10 ? 11.952  7.517   -6.834  1.00 0.63 ? 10 DT  A "H4'"  1 
ATOM   313 H "H3'"  . DT  A 1 10 ? 12.109  10.305  -7.241  1.00 0.66 ? 10 DT  A "H3'"  1 
ATOM   314 H "H2'"  . DT  A 1 10 ? 9.833   10.701  -7.375  1.00 0.52 ? 10 DT  A "H2'"  1 
ATOM   315 H "H2''" . DT  A 1 10 ? 10.117  10.197  -9.072  1.00 0.65 ? 10 DT  A "H2''" 1 
ATOM   316 H "H1'"  . DT  A 1 10 ? 9.409   7.997   -8.665  1.00 0.57 ? 10 DT  A "H1'"  1 
ATOM   317 H H3     . DT  A 1 10 ? 4.932   7.977   -8.320  1.00 0.35 ? 10 DT  A H3     1 
ATOM   318 H H71    . DT  A 1 10 ? 6.750   11.870  -5.005  1.00 1.01 ? 10 DT  A H71    1 
ATOM   319 H H72    . DT  A 1 10 ? 4.992   11.548  -5.229  1.00 1.05 ? 10 DT  A H72    1 
ATOM   320 H H73    . DT  A 1 10 ? 5.899   12.205  -6.098  1.00 0.79 ? 10 DT  A H73    1 
ATOM   321 H H6     . DT  A 1 10 ? 8.368   10.660  -6.304  1.00 0.36 ? 10 DT  A H6     1 
ATOM   322 P P      . DG  A 1 11 ? 12.524  9.846   -10.099 1.00 0.89 ? 11 DG  A P      1 
ATOM   323 O OP1    . DG  A 1 11 ? 13.856  9.493   -10.641 1.00 1.01 ? 11 DG  A OP1    1 
ATOM   324 O OP2    . DG  A 1 11 ? 12.218  11.250  -9.748  1.00 0.89 ? 11 DG  A OP2    1 
ATOM   325 O "O5'"  . DG  A 1 11 ? 11.406  9.330   -11.136 1.00 0.93 ? 11 DG  A "O5'"  1 
ATOM   326 C "C5'"  . DG  A 1 11 ? 11.641  8.166   -11.932 1.00 1.03 ? 11 DG  A "C5'"  1 
ATOM   327 C "C4'"  . DG  A 1 11 ? 10.687  8.099   -13.122 1.00 1.06 ? 11 DG  A "C4'"  1 
ATOM   328 O "O4'"  . DG  A 1 11 ? 9.319   7.953   -12.673 1.00 0.92 ? 11 DG  A "O4'"  1 
ATOM   329 C "C3'"  . DG  A 1 11 ? 10.780  9.370   -13.957 1.00 1.15 ? 11 DG  A "C3'"  1 
ATOM   330 O "O3'"  . DG  A 1 11 ? 11.093  9.059   -15.320 1.00 1.29 ? 11 DG  A "O3'"  1 
ATOM   331 C "C2'"  . DG  A 1 11 ? 9.423   10.022  -13.856 1.00 1.03 ? 11 DG  A "C2'"  1 
ATOM   332 C "C1'"  . DG  A 1 11 ? 8.495   8.987   -13.249 1.00 0.89 ? 11 DG  A "C1'"  1 
ATOM   333 N N9     . DG  A 1 11 ? 7.599   9.591   -12.242 1.00 0.75 ? 11 DG  A N9     1 
ATOM   334 C C8     . DG  A 1 11 ? 7.892   10.304  -11.126 1.00 0.72 ? 11 DG  A C8     1 
ATOM   335 N N7     . DG  A 1 11 ? 6.904   10.725  -10.407 1.00 0.61 ? 11 DG  A N7     1 
ATOM   336 C C5     . DG  A 1 11 ? 5.804   10.238  -11.121 1.00 0.57 ? 11 DG  A C5     1 
ATOM   337 C C6     . DG  A 1 11 ? 4.414   10.362  -10.851 1.00 0.51 ? 11 DG  A C6     1 
ATOM   338 O O6     . DG  A 1 11 ? 3.864   10.937  -9.912  1.00 0.49 ? 11 DG  A O6     1 
ATOM   339 N N1     . DG  A 1 11 ? 3.648   9.725   -11.819 1.00 0.53 ? 11 DG  A N1     1 
ATOM   340 C C2     . DG  A 1 11 ? 4.151   9.051   -12.914 1.00 0.60 ? 11 DG  A C2     1 
ATOM   341 N N2     . DG  A 1 11 ? 3.254   8.503   -13.734 1.00 0.64 ? 11 DG  A N2     1 
ATOM   342 N N3     . DG  A 1 11 ? 5.456   8.929   -13.175 1.00 0.67 ? 11 DG  A N3     1 
ATOM   343 C C4     . DG  A 1 11 ? 6.223   9.542   -12.245 1.00 0.66 ? 11 DG  A C4     1 
ATOM   344 H "H5'"  . DG  A 1 11 ? 11.502  7.278   -11.315 1.00 0.99 ? 11 DG  A "H5'"  1 
ATOM   345 H "H5''" . DG  A 1 11 ? 12.667  8.187   -12.300 1.00 1.16 ? 11 DG  A "H5''" 1 
ATOM   346 H "H4'"  . DG  A 1 11 ? 10.951  7.244   -13.742 1.00 1.15 ? 11 DG  A "H4'"  1 
ATOM   347 H "H3'"  . DG  A 1 11 ? 11.545  10.030  -13.538 1.00 1.19 ? 11 DG  A "H3'"  1 
ATOM   348 H "HO3'" . DG  A 1 11 ? 10.343  8.580   -15.682 1.00 1.17 ? 11 DG  A "HO3'" 1 
ATOM   349 H "H2'"  . DG  A 1 11 ? 9.477   10.900  -13.213 1.00 1.02 ? 11 DG  A "H2'"  1 
ATOM   350 H "H2''" . DG  A 1 11 ? 9.072   10.305  -14.845 1.00 1.09 ? 11 DG  A "H2''" 1 
ATOM   351 H "H1'"  . DG  A 1 11 ? 7.888   8.551   -14.044 1.00 0.91 ? 11 DG  A "H1'"  1 
ATOM   352 H H8     . DG  A 1 11 ? 8.920   10.517  -10.846 1.00 0.79 ? 11 DG  A H8     1 
ATOM   353 H H1     . DG  A 1 11 ? 2.648   9.773   -11.692 1.00 0.53 ? 11 DG  A H1     1 
ATOM   354 H H21    . DG  A 1 11 ? 2.267   8.596   -13.535 1.00 0.63 ? 11 DG  A H21    1 
ATOM   355 H H22    . DG  A 1 11 ? 3.559   7.997   -14.552 1.00 0.71 ? 11 DG  A H22    1 
ATOM   356 O "O5'"  . DC  B 2 1  ? -4.508  11.854  -12.612 1.00 0.98 ? 12 DC  B "O5'"  1 
ATOM   357 C "C5'"  . DC  B 2 1  ? -4.629  11.605  -14.017 1.00 0.97 ? 12 DC  B "C5'"  1 
ATOM   358 C "C4'"  . DC  B 2 1  ? -3.800  10.397  -14.440 1.00 0.88 ? 12 DC  B "C4'"  1 
ATOM   359 O "O4'"  . DC  B 2 1  ? -2.399  10.620  -14.168 1.00 0.83 ? 12 DC  B "O4'"  1 
ATOM   360 C "C3'"  . DC  B 2 1  ? -4.241  9.156   -13.678 1.00 0.85 ? 12 DC  B "C3'"  1 
ATOM   361 O "O3'"  . DC  B 2 1  ? -4.591  8.102   -14.583 1.00 0.85 ? 12 DC  B "O3'"  1 
ATOM   362 C "C2'"  . DC  B 2 1  ? -3.064  8.758   -12.826 1.00 0.77 ? 12 DC  B "C2'"  1 
ATOM   363 C "C1'"  . DC  B 2 1  ? -1.887  9.590   -13.298 1.00 0.74 ? 12 DC  B "C1'"  1 
ATOM   364 N N1     . DC  B 2 1  ? -1.153  10.173  -12.160 1.00 0.70 ? 12 DC  B N1     1 
ATOM   365 C C2     . DC  B 2 1  ? 0.200   9.895   -12.078 1.00 0.62 ? 12 DC  B C2     1 
ATOM   366 O O2     . DC  B 2 1  ? 0.735   9.191   -12.928 1.00 0.62 ? 12 DC  B O2     1 
ATOM   367 N N3     . DC  B 2 1  ? 0.906   10.417  -11.041 1.00 0.59 ? 12 DC  B N3     1 
ATOM   368 C C4     . DC  B 2 1  ? 0.311   11.182  -10.118 1.00 0.64 ? 12 DC  B C4     1 
ATOM   369 N N4     . DC  B 2 1  ? 1.039   11.677  -9.117  1.00 0.62 ? 12 DC  B N4     1 
ATOM   370 C C5     . DC  B 2 1  ? -1.089  11.475  -10.197 1.00 0.74 ? 12 DC  B C5     1 
ATOM   371 C C6     . DC  B 2 1  ? -1.781  10.951  -11.229 1.00 0.76 ? 12 DC  B C6     1 
ATOM   372 H "H5'"  . DC  B 2 1  ? -4.286  12.482  -14.566 1.00 1.01 ? 12 DC  B "H5'"  1 
ATOM   373 H "H5''" . DC  B 2 1  ? -5.676  11.422  -14.256 1.00 1.02 ? 12 DC  B "H5''" 1 
ATOM   374 H "H4'"  . DC  B 2 1  ? -3.934  10.228  -15.509 1.00 0.90 ? 12 DC  B "H4'"  1 
ATOM   375 H "H3'"  . DC  B 2 1  ? -5.091  9.400   -13.038 1.00 0.90 ? 12 DC  B "H3'"  1 
ATOM   376 H "H2'"  . DC  B 2 1  ? -3.277  8.976   -11.779 1.00 0.79 ? 12 DC  B "H2'"  1 
ATOM   377 H "H2''" . DC  B 2 1  ? -2.849  7.698   -12.954 1.00 0.74 ? 12 DC  B "H2''" 1 
ATOM   378 H "H1'"  . DC  B 2 1  ? -1.208  8.952   -13.865 1.00 0.71 ? 12 DC  B "H1'"  1 
ATOM   379 H H41    . DC  B 2 1  ? 2.025   11.470  -9.062  1.00 0.56 ? 12 DC  B H41    1 
ATOM   380 H H42    . DC  B 2 1  ? 0.603   12.257  -8.412  1.00 0.69 ? 12 DC  B H42    1 
ATOM   381 H H5     . DC  B 2 1  ? -1.578  12.098  -9.447  1.00 0.82 ? 12 DC  B H5     1 
ATOM   382 H H6     . DC  B 2 1  ? -2.848  11.150  -11.323 1.00 0.84 ? 12 DC  B H6     1 
ATOM   383 H "HO5'" . DC  B 2 1  ? -4.541  11.004  -12.168 1.00 1.20 ? 12 DC  B "HO5'" 1 
ATOM   384 P P      . DA  B 2 2  ? -4.636  6.571   -14.085 1.00 0.86 ? 13 DA  B P      1 
ATOM   385 O OP1    . DA  B 2 2  ? -5.350  5.773   -15.106 1.00 0.92 ? 13 DA  B OP1    1 
ATOM   386 O OP2    . DA  B 2 2  ? -5.100  6.555   -12.680 1.00 0.89 ? 13 DA  B OP2    1 
ATOM   387 O "O5'"  . DA  B 2 2  ? -3.082  6.139   -14.106 1.00 0.77 ? 13 DA  B "O5'"  1 
ATOM   388 C "C5'"  . DA  B 2 2  ? -2.289  6.302   -15.286 1.00 0.77 ? 13 DA  B "C5'"  1 
ATOM   389 C "C4'"  . DA  B 2 2  ? -0.904  5.693   -15.113 1.00 0.73 ? 13 DA  B "C4'"  1 
ATOM   390 O "O4'"  . DA  B 2 2  ? -0.126  6.487   -14.180 1.00 0.67 ? 13 DA  B "O4'"  1 
ATOM   391 C "C3'"  . DA  B 2 2  ? -0.998  4.279   -14.540 1.00 0.73 ? 13 DA  B "C3'"  1 
ATOM   392 O "O3'"  . DA  B 2 2  ? -0.114  3.380   -15.223 1.00 0.75 ? 13 DA  B "O3'"  1 
ATOM   393 C "C2'"  . DA  B 2 2  ? -0.594  4.457   -13.110 1.00 0.68 ? 13 DA  B "C2'"  1 
ATOM   394 C "C1'"  . DA  B 2 2  ? 0.370   5.617   -13.150 1.00 0.63 ? 13 DA  B "C1'"  1 
ATOM   395 N N9     . DA  B 2 2  ? 0.419   6.318   -11.855 1.00 0.58 ? 13 DA  B N9     1 
ATOM   396 C C8     . DA  B 2 2  ? -0.598  6.757   -11.075 1.00 0.59 ? 13 DA  B C8     1 
ATOM   397 N N7     . DA  B 2 2  ? -0.290  7.359   -9.976  1.00 0.55 ? 13 DA  B N7     1 
ATOM   398 C C5     . DA  B 2 2  ? 1.107   7.321   -10.016 1.00 0.48 ? 13 DA  B C5     1 
ATOM   399 C C6     . DA  B 2 2  ? 2.091   7.790   -9.142  1.00 0.42 ? 13 DA  B C6     1 
ATOM   400 N N6     . DA  B 2 2  ? 1.809   8.419   -8.002  1.00 0.40 ? 13 DA  B N6     1 
ATOM   401 N N1     . DA  B 2 2  ? 3.376   7.586   -9.489  1.00 0.40 ? 13 DA  B N1     1 
ATOM   402 C C2     . DA  B 2 2  ? 3.675   6.956   -10.628 1.00 0.45 ? 13 DA  B C2     1 
ATOM   403 N N3     . DA  B 2 2  ? 2.823   6.472   -11.526 1.00 0.50 ? 13 DA  B N3     1 
ATOM   404 C C4     . DA  B 2 2  ? 1.546   6.689   -11.157 1.00 0.51 ? 13 DA  B C4     1 
ATOM   405 H "H5'"  . DA  B 2 2  ? -2.176  7.363   -15.494 1.00 0.76 ? 13 DA  B "H5'"  1 
ATOM   406 H "H5''" . DA  B 2 2  ? -2.791  5.821   -16.127 1.00 0.81 ? 13 DA  B "H5''" 1 
ATOM   407 H "H4'"  . DA  B 2 2  ? -0.395  5.665   -16.074 1.00 0.74 ? 13 DA  B "H4'"  1 
ATOM   408 H "H3'"  . DA  B 2 2  ? -2.028  3.921   -14.591 1.00 0.77 ? 13 DA  B "H3'"  1 
ATOM   409 H "H2'"  . DA  B 2 2  ? -1.460  4.701   -12.495 1.00 0.69 ? 13 DA  B "H2'"  1 
ATOM   410 H "H2''" . DA  B 2 2  ? -0.101  3.560   -12.741 1.00 0.68 ? 13 DA  B "H2''" 1 
ATOM   411 H "H1'"  . DA  B 2 2  ? 1.361   5.263   -13.418 1.00 0.62 ? 13 DA  B "H1'"  1 
ATOM   412 H H8     . DA  B 2 2  ? -1.636  6.608   -11.367 1.00 0.66 ? 13 DA  B H8     1 
ATOM   413 H H61    . DA  B 2 2  ? 2.557   8.740   -7.403  1.00 0.35 ? 13 DA  B H61    1 
ATOM   414 H H62    . DA  B 2 2  ? 0.848   8.574   -7.736  1.00 0.44 ? 13 DA  B H62    1 
ATOM   415 H H2     . DA  B 2 2  ? 4.735   6.825   -10.845 1.00 0.47 ? 13 DA  B H2     1 
ATOM   416 P P      . DC  B 2 3  ? 0.237   1.940   -14.593 1.00 0.78 ? 14 DC  B P      1 
ATOM   417 O OP1    . DC  B 2 3  ? 0.658   1.044   -15.692 1.00 0.85 ? 14 DC  B OP1    1 
ATOM   418 O OP2    . DC  B 2 3  ? -0.875  1.542   -13.701 1.00 0.81 ? 14 DC  B OP2    1 
ATOM   419 O "O5'"  . DC  B 2 3  ? 1.525   2.255   -13.680 1.00 0.69 ? 14 DC  B "O5'"  1 
ATOM   420 C "C5'"  . DC  B 2 3  ? 2.850   2.054   -14.187 1.00 0.67 ? 14 DC  B "C5'"  1 
ATOM   421 C "C4'"  . DC  B 2 3  ? 3.828   1.733   -13.060 1.00 0.59 ? 14 DC  B "C4'"  1 
ATOM   422 O "O4'"  . DC  B 2 3  ? 3.865   2.821   -12.092 1.00 0.53 ? 14 DC  B "O4'"  1 
ATOM   423 C "C3'"  . DC  B 2 3  ? 3.384   0.473   -12.310 1.00 0.59 ? 14 DC  B "C3'"  1 
ATOM   424 O "O3'"  . DC  B 2 3  ? 4.489   -0.401  -12.058 1.00 0.58 ? 14 DC  B "O3'"  1 
ATOM   425 C "C2'"  . DC  B 2 3  ? 2.817   1.016   -11.038 1.00 0.55 ? 14 DC  B "C2'"  1 
ATOM   426 C "C1'"  . DC  B 2 3  ? 3.617   2.265   -10.789 1.00 0.49 ? 14 DC  B "C1'"  1 
ATOM   427 N N1     . DC  B 2 3  ? 2.865   3.174   -9.921  1.00 0.46 ? 14 DC  B N1     1 
ATOM   428 C C2     . DC  B 2 3  ? 3.576   3.951   -9.021  1.00 0.39 ? 14 DC  B C2     1 
ATOM   429 O O2     . DC  B 2 3  ? 4.801   3.883   -8.976  1.00 0.36 ? 14 DC  B O2     1 
ATOM   430 N N3     . DC  B 2 3  ? 2.876   4.773   -8.194  1.00 0.37 ? 14 DC  B N3     1 
ATOM   431 C C4     . DC  B 2 3  ? 1.539   4.826   -8.252  1.00 0.42 ? 14 DC  B C4     1 
ATOM   432 N N4     . DC  B 2 3  ? 0.879   5.644   -7.432  1.00 0.41 ? 14 DC  B N4     1 
ATOM   433 C C5     . DC  B 2 3  ? 0.816   4.017   -9.184  1.00 0.49 ? 14 DC  B C5     1 
ATOM   434 C C6     . DC  B 2 3  ? 1.511   3.218   -9.988  1.00 0.50 ? 14 DC  B C6     1 
ATOM   435 H "H5'"  . DC  B 2 3  ? 3.178   2.960   -14.697 1.00 0.67 ? 14 DC  B "H5'"  1 
ATOM   436 H "H5''" . DC  B 2 3  ? 2.838   1.227   -14.898 1.00 0.72 ? 14 DC  B "H5''" 1 
ATOM   437 H "H4'"  . DC  B 2 3  ? 4.825   1.581   -13.473 1.00 0.59 ? 14 DC  B "H4'"  1 
ATOM   438 H "H3'"  . DC  B 2 3  ? 2.604   -0.042  -12.871 1.00 0.65 ? 14 DC  B "H3'"  1 
ATOM   439 H "H2'"  . DC  B 2 3  ? 1.769   1.256   -11.180 1.00 0.58 ? 14 DC  B "H2'"  1 
ATOM   440 H "H2''" . DC  B 2 3  ? 2.930   0.324   -10.213 1.00 0.53 ? 14 DC  B "H2''" 1 
ATOM   441 H "H1'"  . DC  B 2 3  ? 4.564   2.004   -10.316 1.00 0.45 ? 14 DC  B "H1'"  1 
ATOM   442 H H41    . DC  B 2 3  ? 1.389   6.217   -6.775  1.00 0.36 ? 14 DC  B H41    1 
ATOM   443 H H42    . DC  B 2 3  ? -0.130  5.692   -7.470  1.00 0.45 ? 14 DC  B H42    1 
ATOM   444 H H5     . DC  B 2 3  ? -0.261  4.036   -9.236  1.00 0.53 ? 14 DC  B H5     1 
ATOM   445 H H6     . DC  B 2 3  ? 0.981   2.599   -10.706 1.00 0.56 ? 14 DC  B H6     1 
ATOM   446 P P      . DC  B 2 4  ? 4.333   -1.638  -11.041 1.00 0.59 ? 15 DC  B P      1 
ATOM   447 O OP1    . DC  B 2 4  ? 5.006   -2.814  -11.634 1.00 0.64 ? 15 DC  B OP1    1 
ATOM   448 O OP2    . DC  B 2 4  ? 2.913   -1.727  -10.632 1.00 0.62 ? 15 DC  B OP2    1 
ATOM   449 O "O5'"  . DC  B 2 4  ? 5.193   -1.153  -9.770  1.00 0.53 ? 15 DC  B "O5'"  1 
ATOM   450 C "C5'"  . DC  B 2 4  ? 6.606   -0.968  -9.880  1.00 0.51 ? 15 DC  B "C5'"  1 
ATOM   451 C "C4'"  . DC  B 2 4  ? 7.170   -0.230  -8.678  1.00 0.45 ? 15 DC  B "C4'"  1 
ATOM   452 O "O4'"  . DC  B 2 4  ? 6.343   0.914   -8.341  1.00 0.42 ? 15 DC  B "O4'"  1 
ATOM   453 C "C3'"  . DC  B 2 4  ? 7.197   -1.147  -7.456  1.00 0.45 ? 15 DC  B "C3'"  1 
ATOM   454 O "O3'"  . DC  B 2 4  ? 8.454   -1.060  -6.776  1.00 0.44 ? 15 DC  B "O3'"  1 
ATOM   455 C "C2'"  . DC  B 2 4  ? 6.077   -0.631  -6.605  1.00 0.42 ? 15 DC  B "C2'"  1 
ATOM   456 C "C1'"  . DC  B 2 4  ? 6.024   0.835   -6.941  1.00 0.39 ? 15 DC  B "C1'"  1 
ATOM   457 N N1     . DC  B 2 4  ? 4.695   1.404   -6.660  1.00 0.38 ? 15 DC  B N1     1 
ATOM   458 C C2     . DC  B 2 4  ? 4.590   2.276   -5.589  1.00 0.34 ? 15 DC  B C2     1 
ATOM   459 O O2     . DC  B 2 4  ? 5.578   2.545   -4.910  1.00 0.31 ? 15 DC  B O2     1 
ATOM   460 N N3     . DC  B 2 4  ? 3.372   2.815   -5.313  1.00 0.34 ? 15 DC  B N3     1 
ATOM   461 C C4     . DC  B 2 4  ? 2.301   2.514   -6.057  1.00 0.39 ? 15 DC  B C4     1 
ATOM   462 N N4     . DC  B 2 4  ? 1.124   3.063   -5.757  1.00 0.40 ? 15 DC  B N4     1 
ATOM   463 C C5     . DC  B 2 4  ? 2.404   1.615   -7.166  1.00 0.44 ? 15 DC  B C5     1 
ATOM   464 C C6     . DC  B 2 4  ? 3.615   1.085   -7.431  1.00 0.43 ? 15 DC  B C6     1 
ATOM   465 H "H5'"  . DC  B 2 4  ? 6.822   -0.398  -10.784 1.00 0.52 ? 15 DC  B "H5'"  1 
ATOM   466 H "H5''" . DC  B 2 4  ? 7.087   -1.939  -9.946  1.00 0.53 ? 15 DC  B "H5''" 1 
ATOM   467 H "H4'"  . DC  B 2 4  ? 8.180   0.108   -8.901  1.00 0.45 ? 15 DC  B "H4'"  1 
ATOM   468 H "H3'"  . DC  B 2 4  ? 6.993   -2.177  -7.758  1.00 0.48 ? 15 DC  B "H3'"  1 
ATOM   469 H "H2'"  . DC  B 2 4  ? 5.138   -1.117  -6.873  1.00 0.45 ? 15 DC  B "H2'"  1 
ATOM   470 H "H2''" . DC  B 2 4  ? 6.299   -0.776  -5.549  1.00 0.41 ? 15 DC  B "H2''" 1 
ATOM   471 H "H1'"  . DC  B 2 4  ? 6.781   1.363   -6.368  1.00 0.37 ? 15 DC  B "H1'"  1 
ATOM   472 H H41    . DC  B 2 4  ? 1.051   3.699   -4.976  1.00 0.37 ? 15 DC  B H41    1 
ATOM   473 H H42    . DC  B 2 4  ? 0.308   2.845   -6.311  1.00 0.44 ? 15 DC  B H42    1 
ATOM   474 H H5     . DC  B 2 4  ? 1.534   1.368   -7.774  1.00 0.48 ? 15 DC  B H5     1 
ATOM   475 H H6     . DC  B 2 4  ? 3.733   0.395   -8.270  1.00 0.47 ? 15 DC  B H6     1 
ATOM   476 P P      . DA  B 2 5  ? 8.777   -2.018  -5.524  1.00 0.43 ? 16 DA  B P      1 
ATOM   477 O OP1    . DA  B 2 5  ? 10.205  -2.402  -5.591  1.00 0.47 ? 16 DA  B OP1    1 
ATOM   478 O OP2    . DA  B 2 5  ? 7.734   -3.066  -5.460  1.00 0.46 ? 16 DA  B OP2    1 
ATOM   479 O "O5'"  . DA  B 2 5  ? 8.580   -1.032  -4.268  1.00 0.39 ? 16 DA  B "O5'"  1 
ATOM   480 C "C5'"  . DA  B 2 5  ? 9.563   -0.038  -3.962  1.00 0.39 ? 16 DA  B "C5'"  1 
ATOM   481 C "C4'"  . DA  B 2 5  ? 9.156   0.794   -2.750  1.00 0.36 ? 16 DA  B "C4'"  1 
ATOM   482 O "O4'"  . DA  B 2 5  ? 7.852   1.403   -2.957  1.00 0.34 ? 16 DA  B "O4'"  1 
ATOM   483 C "C3'"  . DA  B 2 5  ? 9.053   -0.085  -1.504  1.00 0.35 ? 16 DA  B "C3'"  1 
ATOM   484 O "O3'"  . DA  B 2 5  ? 9.697   0.529   -0.382  1.00 0.35 ? 16 DA  B "O3'"  1 
ATOM   485 C "C2'"  . DA  B 2 5  ? 7.574   -0.214  -1.285  1.00 0.34 ? 16 DA  B "C2'"  1 
ATOM   486 C "C1'"  . DA  B 2 5  ? 7.018   1.080   -1.829  1.00 0.33 ? 16 DA  B "C1'"  1 
ATOM   487 N N9     . DA  B 2 5  ? 5.612   0.927   -2.244  1.00 0.32 ? 16 DA  B N9     1 
ATOM   488 C C8     . DA  B 2 5  ? 5.058   0.045   -3.111  1.00 0.32 ? 16 DA  B C8     1 
ATOM   489 N N7     . DA  B 2 5  ? 3.784   0.126   -3.311  1.00 0.32 ? 16 DA  B N7     1 
ATOM   490 C C5     . DA  B 2 5  ? 3.435   1.192   -2.476  1.00 0.30 ? 16 DA  B C5     1 
ATOM   491 C C6     . DA  B 2 5  ? 2.216   1.819   -2.200  1.00 0.30 ? 16 DA  B C6     1 
ATOM   492 N N6     . DA  B 2 5  ? 1.062   1.448   -2.757  1.00 0.30 ? 16 DA  B N6     1 
ATOM   493 N N1     . DA  B 2 5  ? 2.230   2.842   -1.327  1.00 0.29 ? 16 DA  B N1     1 
ATOM   494 C C2     . DA  B 2 5  ? 3.373   3.227   -0.757  1.00 0.29 ? 16 DA  B C2     1 
ATOM   495 N N3     . DA  B 2 5  ? 4.580   2.706   -0.946  1.00 0.29 ? 16 DA  B N3     1 
ATOM   496 C C4     . DA  B 2 5  ? 4.541   1.685   -1.823  1.00 0.30 ? 16 DA  B C4     1 
ATOM   497 H "H5'"  . DA  B 2 5  ? 9.681   0.621   -4.823  1.00 0.40 ? 16 DA  B "H5'"  1 
ATOM   498 H "H5''" . DA  B 2 5  ? 10.513  -0.529  -3.755  1.00 0.41 ? 16 DA  B "H5''" 1 
ATOM   499 H "H4'"  . DA  B 2 5  ? 9.895   1.576   -2.583  1.00 0.37 ? 16 DA  B "H4'"  1 
ATOM   500 H "H3'"  . DA  B 2 5  ? 9.486   -1.068  -1.705  1.00 0.37 ? 16 DA  B "H3'"  1 
ATOM   501 H "H2'"  . DA  B 2 5  ? 7.176   -1.071  -1.855  1.00 0.34 ? 16 DA  B "H2'"  1 
ATOM   502 H "H2''" . DA  B 2 5  ? 7.352   -0.303  -0.208  1.00 0.33 ? 16 DA  B "H2''" 1 
ATOM   503 H "H1'"  . DA  B 2 5  ? 7.099   1.861   -1.074  1.00 0.32 ? 16 DA  B "H1'"  1 
ATOM   504 H H8     . DA  B 2 5  ? 5.664   -0.701  -3.621  1.00 0.34 ? 16 DA  B H8     1 
ATOM   505 H H61    . DA  B 2 5  ? 0.208   1.934   -2.522  1.00 0.30 ? 16 DA  B H61    1 
ATOM   506 H H62    . DA  B 2 5  ? 1.042   0.680   -3.412  1.00 0.31 ? 16 DA  B H62    1 
ATOM   507 H H2     . DA  B 2 5  ? 3.310   4.063   -0.059  1.00 0.28 ? 16 DA  B H2     1 
ATOM   508 P P      . DC  B 2 6  ? 9.828   -0.255  1.017   1.00 0.35 ? 17 DC  B P      1 
ATOM   509 O OP1    . DC  B 2 6  ? 11.038  0.236   1.712   1.00 0.37 ? 17 DC  B OP1    1 
ATOM   510 O OP2    . DC  B 2 6  ? 9.665   -1.703  0.754   1.00 0.35 ? 17 DC  B OP2    1 
ATOM   511 O "O5'"  . DC  B 2 6  ? 8.538   0.256   1.830   1.00 0.36 ? 17 DC  B "O5'"  1 
ATOM   512 C "C5'"  . DC  B 2 6  ? 8.526   1.551   2.437   1.00 0.38 ? 17 DC  B "C5'"  1 
ATOM   513 C "C4'"  . DC  B 2 6  ? 7.249   1.778   3.239   1.00 0.35 ? 17 DC  B "C4'"  1 
ATOM   514 O "O4'"  . DC  B 2 6  ? 6.091   1.740   2.378   1.00 0.35 ? 17 DC  B "O4'"  1 
ATOM   515 C "C3'"  . DC  B 2 6  ? 7.065   0.676   4.281   1.00 0.33 ? 17 DC  B "C3'"  1 
ATOM   516 O "O3'"  . DC  B 2 6  ? 6.994   1.259   5.591   1.00 0.32 ? 17 DC  B "O3'"  1 
ATOM   517 C "C2'"  . DC  B 2 6  ? 5.749   0.006   3.911   1.00 0.31 ? 17 DC  B "C2'"  1 
ATOM   518 C "C1'"  . DC  B 2 6  ? 5.044   1.027   3.058   1.00 0.32 ? 17 DC  B "C1'"  1 
ATOM   519 N N1     . DC  B 2 6  ? 4.132   0.395   2.088   1.00 0.31 ? 17 DC  B N1     1 
ATOM   520 C C2     . DC  B 2 6  ? 2.794   0.721   2.175   1.00 0.30 ? 17 DC  B C2     1 
ATOM   521 O O2     . DC  B 2 6  ? 2.409   1.498   3.040   1.00 0.30 ? 17 DC  B O2     1 
ATOM   522 N N3     . DC  B 2 6  ? 1.932   0.164   1.284   1.00 0.31 ? 17 DC  B N3     1 
ATOM   523 C C4     . DC  B 2 6  ? 2.367   -0.682  0.343   1.00 0.32 ? 17 DC  B C4     1 
ATOM   524 N N4     . DC  B 2 6  ? 1.488   -1.209  -0.512  1.00 0.33 ? 17 DC  B N4     1 
ATOM   525 C C5     . DC  B 2 6  ? 3.756   -1.025  0.248   1.00 0.33 ? 17 DC  B C5     1 
ATOM   526 C C6     . DC  B 2 6  ? 4.599   -0.462  1.142   1.00 0.32 ? 17 DC  B C6     1 
ATOM   527 H "H5'"  . DC  B 2 6  ? 8.597   2.309   1.658   1.00 0.40 ? 17 DC  B "H5'"  1 
ATOM   528 H "H5''" . DC  B 2 6  ? 9.385   1.641   3.102   1.00 0.39 ? 17 DC  B "H5''" 1 
ATOM   529 H "H4'"  . DC  B 2 6  ? 7.297   2.746   3.735   1.00 0.36 ? 17 DC  B "H4'"  1 
ATOM   530 H "H3'"  . DC  B 2 6  ? 7.893   -0.033  4.233   1.00 0.34 ? 17 DC  B "H3'"  1 
ATOM   531 H "H2'"  . DC  B 2 6  ? 5.892   -0.919  3.341   1.00 0.31 ? 17 DC  B "H2'"  1 
ATOM   532 H "H2''" . DC  B 2 6  ? 5.188   -0.196  4.801   1.00 0.29 ? 17 DC  B "H2''" 1 
ATOM   533 H "H1'"  . DC  B 2 6  ? 4.484   1.711   3.697   1.00 0.31 ? 17 DC  B "H1'"  1 
ATOM   534 H H41    . DC  B 2 6  ? 0.509   -0.966  -0.443  1.00 0.33 ? 17 DC  B H41    1 
ATOM   535 H H42    . DC  B 2 6  ? 1.801   -1.850  -1.227  1.00 0.33 ? 17 DC  B H42    1 
ATOM   536 H H5     . DC  B 2 6  ? 4.119   -1.711  -0.522  1.00 0.34 ? 17 DC  B H5     1 
ATOM   537 H H6     . DC  B 2 6  ? 5.662   -0.696  1.112   1.00 0.34 ? 17 DC  B H6     1 
ATOM   538 P P      . DC  B 2 7  ? 6.493   0.405   6.859   1.00 0.31 ? 18 DC  B P      1 
ATOM   539 O OP1    . DC  B 2 7  ? 7.229   0.876   8.053   1.00 0.33 ? 18 DC  B OP1    1 
ATOM   540 O OP2    . DC  B 2 7  ? 6.521   -1.028  6.492   1.00 0.31 ? 18 DC  B OP2    1 
ATOM   541 O "O5'"  . DC  B 2 7  ? 4.954   0.858   7.005   1.00 0.29 ? 18 DC  B "O5'"  1 
ATOM   542 C "C5'"  . DC  B 2 7  ? 4.600   2.099   7.631   1.00 0.30 ? 18 DC  B "C5'"  1 
ATOM   543 C "C4'"  . DC  B 2 7  ? 3.177   2.049   8.172   1.00 0.28 ? 18 DC  B "C4'"  1 
ATOM   544 O "O4'"  . DC  B 2 7  ? 2.234   1.828   7.090   1.00 0.27 ? 18 DC  B "O4'"  1 
ATOM   545 C "C3'"  . DC  B 2 7  ? 3.028   0.888   9.148   1.00 0.26 ? 18 DC  B "C3'"  1 
ATOM   546 O "O3'"  . DC  B 2 7  ? 2.225   1.252   10.276  1.00 0.26 ? 18 DC  B "O3'"  1 
ATOM   547 C "C2'"  . DC  B 2 7  ? 2.364   -0.173  8.329   1.00 0.25 ? 18 DC  B "C2'"  1 
ATOM   548 C "C1'"  . DC  B 2 7  ? 1.534   0.587   7.322   1.00 0.25 ? 18 DC  B "C1'"  1 
ATOM   549 N N1     . DC  B 2 7  ? 1.409   -0.186  6.077   1.00 0.26 ? 18 DC  B N1     1 
ATOM   550 C C2     . DC  B 2 7  ? 0.163   -0.248  5.477   1.00 0.26 ? 18 DC  B C2     1 
ATOM   551 O O2     . DC  B 2 7  ? -0.795  0.333   5.979   1.00 0.27 ? 18 DC  B O2     1 
ATOM   552 N N3     . DC  B 2 7  ? 0.038   -0.967  4.329   1.00 0.28 ? 18 DC  B N3     1 
ATOM   553 C C4     . DC  B 2 7  ? 1.093   -1.597  3.794   1.00 0.28 ? 18 DC  B C4     1 
ATOM   554 N N4     . DC  B 2 7  ? 0.934   -2.291  2.667   1.00 0.30 ? 18 DC  B N4     1 
ATOM   555 C C5     . DC  B 2 7  ? 2.380   -1.533  4.414   1.00 0.28 ? 18 DC  B C5     1 
ATOM   556 C C6     . DC  B 2 7  ? 2.491   -0.820  5.546   1.00 0.27 ? 18 DC  B C6     1 
ATOM   557 H "H5'"  . DC  B 2 7  ? 4.675   2.903   6.899   1.00 0.31 ? 18 DC  B "H5'"  1 
ATOM   558 H "H5''" . DC  B 2 7  ? 5.284   2.300   8.455   1.00 0.30 ? 18 DC  B "H5''" 1 
ATOM   559 H "H4'"  . DC  B 2 7  ? 2.941   2.986   8.675   1.00 0.28 ? 18 DC  B "H4'"  1 
ATOM   560 H "H3'"  . DC  B 2 7  ? 4.013   0.545   9.472   1.00 0.27 ? 18 DC  B "H3'"  1 
ATOM   561 H "H2'"  . DC  B 2 7  ? 3.112   -0.783  7.820   1.00 0.25 ? 18 DC  B "H2'"  1 
ATOM   562 H "H2''" . DC  B 2 7  ? 1.728   -0.797  8.952   1.00 0.24 ? 18 DC  B "H2''" 1 
ATOM   563 H "H1'"  . DC  B 2 7  ? 0.546   0.790   7.732   1.00 0.25 ? 18 DC  B "H1'"  1 
ATOM   564 H H41    . DC  B 2 7  ? 0.025   -2.337  2.229   1.00 0.31 ? 18 DC  B H41    1 
ATOM   565 H H42    . DC  B 2 7  ? 1.720   -2.770  2.253   1.00 0.31 ? 18 DC  B H42    1 
ATOM   566 H H5     . DC  B 2 7  ? 3.240   -2.045  3.987   1.00 0.29 ? 18 DC  B H5     1 
ATOM   567 H H6     . DC  B 2 7  ? 3.458   -0.745  6.045   1.00 0.28 ? 18 DC  B H6     1 
ATOM   568 P P      . DT  B 2 8  ? 1.588   0.116   11.223  1.00 0.27 ? 19 DT  B P      1 
ATOM   569 O OP1    . DT  B 2 8  ? 1.656   0.588   12.623  1.00 0.34 ? 19 DT  B OP1    1 
ATOM   570 O OP2    . DT  B 2 8  ? 2.188   -1.185  10.852  1.00 0.26 ? 19 DT  B OP2    1 
ATOM   571 O "O5'"  . DT  B 2 8  ? 0.044   0.107   10.768  1.00 0.26 ? 19 DT  B "O5'"  1 
ATOM   572 C "C5'"  . DT  B 2 8  ? -0.739  1.301   10.838  1.00 0.30 ? 19 DT  B "C5'"  1 
ATOM   573 C "C4'"  . DT  B 2 8  ? -2.171  1.059   10.367  1.00 0.32 ? 19 DT  B "C4'"  1 
ATOM   574 O "O4'"  . DT  B 2 8  ? -2.187  0.498   9.028   1.00 0.29 ? 19 DT  B "O4'"  1 
ATOM   575 C "C3'"  . DT  B 2 8  ? -2.876  0.065   11.280  1.00 0.32 ? 19 DT  B "C3'"  1 
ATOM   576 O "O3'"  . DT  B 2 8  ? -4.222  0.478   11.548  1.00 0.38 ? 19 DT  B "O3'"  1 
ATOM   577 C "C2'"  . DT  B 2 8  ? -2.842  -1.220  10.505  1.00 0.27 ? 19 DT  B "C2'"  1 
ATOM   578 C "C1'"  . DT  B 2 8  ? -2.856  -0.783  9.060   1.00 0.27 ? 19 DT  B "C1'"  1 
ATOM   579 N N1     . DT  B 2 8  ? -2.166  -1.753  8.189   1.00 0.22 ? 19 DT  B N1     1 
ATOM   580 C C2     . DT  B 2 8  ? -2.884  -2.278  7.132   1.00 0.23 ? 19 DT  B C2     1 
ATOM   581 O O2     . DT  B 2 8  ? -4.055  -1.970  6.921   1.00 0.27 ? 19 DT  B O2     1 
ATOM   582 N N3     . DT  B 2 8  ? -2.212  -3.177  6.328   1.00 0.22 ? 19 DT  B N3     1 
ATOM   583 C C4     . DT  B 2 8  ? -0.902  -3.592  6.488   1.00 0.19 ? 19 DT  B C4     1 
ATOM   584 O O4     . DT  B 2 8  ? -0.399  -4.390  5.699   1.00 0.21 ? 19 DT  B O4     1 
ATOM   585 C C5     . DT  B 2 8  ? -0.231  -2.995  7.621   1.00 0.17 ? 19 DT  B C5     1 
ATOM   586 C C7     . DT  B 2 8  ? 1.226   -3.349  7.904   1.00 0.17 ? 19 DT  B C7     1 
ATOM   587 C C6     . DT  B 2 8  ? -0.864  -2.110  8.419   1.00 0.20 ? 19 DT  B C6     1 
ATOM   588 H "H5'"  . DT  B 2 8  ? -0.282  2.064   10.208  1.00 0.31 ? 19 DT  B "H5'"  1 
ATOM   589 H "H5''" . DT  B 2 8  ? -0.759  1.654   11.868  1.00 0.33 ? 19 DT  B "H5''" 1 
ATOM   590 H "H4'"  . DT  B 2 8  ? -2.714  2.004   10.366  1.00 0.36 ? 19 DT  B "H4'"  1 
ATOM   591 H "H3'"  . DT  B 2 8  ? -2.316  -0.047  12.212  1.00 0.32 ? 19 DT  B "H3'"  1 
ATOM   592 H "H2'"  . DT  B 2 8  ? -1.930  -1.775  10.727  1.00 0.23 ? 19 DT  B "H2'"  1 
ATOM   593 H "H2''" . DT  B 2 8  ? -3.720  -1.825  10.730  1.00 0.28 ? 19 DT  B "H2''" 1 
ATOM   594 H "H1'"  . DT  B 2 8  ? -3.888  -0.668  8.729   1.00 0.31 ? 19 DT  B "H1'"  1 
ATOM   595 H H3     . DT  B 2 8  ? -2.725  -3.568  5.551   1.00 0.24 ? 19 DT  B H3     1 
ATOM   596 H H71    . DT  B 2 8  ? 1.544   -3.134  8.884   1.00 0.86 ? 19 DT  B H71    1 
ATOM   597 H H72    . DT  B 2 8  ? 1.686   -2.827  7.502   1.00 0.86 ? 19 DT  B H72    1 
ATOM   598 H H73    . DT  B 2 8  ? 1.551   -4.244  7.454   1.00 0.82 ? 19 DT  B H73    1 
ATOM   599 H H6     . DT  B 2 8  ? -0.327  -1.662  9.254   1.00 0.21 ? 19 DT  B H6     1 
ATOM   600 P P      . DG  B 2 9  ? -5.286  -0.554  12.176  1.00 0.41 ? 20 DG  B P      1 
ATOM   601 O OP1    . DG  B 2 9  ? -6.452  0.220   12.658  1.00 0.47 ? 20 DG  B OP1    1 
ATOM   602 O OP2    . DG  B 2 9  ? -4.565  -1.456  13.101  1.00 0.40 ? 20 DG  B OP2    1 
ATOM   603 O "O5'"  . DG  B 2 9  ? -5.747  -1.410  10.893  1.00 0.39 ? 20 DG  B "O5'"  1 
ATOM   604 C "C5'"  . DG  B 2 9  ? -6.925  -1.063  10.157  1.00 0.44 ? 20 DG  B "C5'"  1 
ATOM   605 C "C4'"  . DG  B 2 9  ? -7.688  -2.315  9.739   1.00 0.44 ? 20 DG  B "C4'"  1 
ATOM   606 O "O4'"  . DG  B 2 9  ? -6.925  -3.064  8.752   1.00 0.37 ? 20 DG  B "O4'"  1 
ATOM   607 C "C3'"  . DG  B 2 9  ? -7.880  -3.230  10.948  1.00 0.46 ? 20 DG  B "C3'"  1 
ATOM   608 O "O3'"  . DG  B 2 9  ? -9.176  -3.844  10.916  1.00 0.52 ? 20 DG  B "O3'"  1 
ATOM   609 C "C2'"  . DG  B 2 9  ? -6.783  -4.235  10.771  1.00 0.38 ? 20 DG  B "C2'"  1 
ATOM   610 C "C1'"  . DG  B 2 9  ? -6.681  -4.384  9.276   1.00 0.34 ? 20 DG  B "C1'"  1 
ATOM   611 N N9     . DG  B 2 9  ? -5.358  -4.887  8.910   1.00 0.26 ? 20 DG  B N9     1 
ATOM   612 C C8     . DG  B 2 9  ? -4.208  -4.806  9.602   1.00 0.23 ? 20 DG  B C8     1 
ATOM   613 N N7     . DG  B 2 9  ? -3.152  -5.335  9.079   1.00 0.18 ? 20 DG  B N7     1 
ATOM   614 C C5     . DG  B 2 9  ? -3.659  -5.840  7.876   1.00 0.18 ? 20 DG  B C5     1 
ATOM   615 C C6     . DG  B 2 9  ? -3.004  -6.545  6.830   1.00 0.18 ? 20 DG  B C6     1 
ATOM   616 O O6     . DG  B 2 9  ? -1.822  -6.872  6.751   1.00 0.20 ? 20 DG  B O6     1 
ATOM   617 N N1     . DG  B 2 9  ? -3.886  -6.868  5.807   1.00 0.22 ? 20 DG  B N1     1 
ATOM   618 C C2     . DG  B 2 9  ? -5.228  -6.554  5.785   1.00 0.25 ? 20 DG  B C2     1 
ATOM   619 N N2     . DG  B 2 9  ? -5.908  -6.950  4.713   1.00 0.30 ? 20 DG  B N2     1 
ATOM   620 N N3     . DG  B 2 9  ? -5.851  -5.893  6.761   1.00 0.26 ? 20 DG  B N3     1 
ATOM   621 C C4     . DG  B 2 9  ? -5.014  -5.567  7.769   1.00 0.22 ? 20 DG  B C4     1 
ATOM   622 H "H5'"  . DG  B 2 9  ? -6.640  -0.504  9.266   1.00 0.44 ? 20 DG  B "H5'"  1 
ATOM   623 H "H5''" . DG  B 2 9  ? -7.567  -0.442  10.780  1.00 0.49 ? 20 DG  B "H5''" 1 
ATOM   624 H "H4'"  . DG  B 2 9  ? -8.657  -2.040  9.324   1.00 0.50 ? 20 DG  B "H4'"  1 
ATOM   625 H "H3'"  . DG  B 2 9  ? -7.734  -2.669  11.873  1.00 0.49 ? 20 DG  B "H3'"  1 
ATOM   626 H "H2'"  . DG  B 2 9  ? -5.857  -3.832  11.171  1.00 0.36 ? 20 DG  B "H2'"  1 
ATOM   627 H "H2''" . DG  B 2 9  ? -7.006  -5.182  11.244  1.00 0.41 ? 20 DG  B "H2''" 1 
ATOM   628 H "H1'"  . DG  B 2 9  ? -7.451  -5.069  8.913   1.00 0.36 ? 20 DG  B "H1'"  1 
ATOM   629 H H8     . DG  B 2 9  ? -4.185  -4.318  10.576  1.00 0.26 ? 20 DG  B H8     1 
ATOM   630 H H1     . DG  B 2 9  ? -3.495  -7.373  5.024   1.00 0.25 ? 20 DG  B H1     1 
ATOM   631 H H21    . DG  B 2 9  ? -5.436  -7.451  3.974   1.00 0.31 ? 20 DG  B H21    1 
ATOM   632 H H22    . DG  B 2 9  ? -6.894  -6.752  4.639   1.00 0.33 ? 20 DG  B H22    1 
ATOM   633 P P      . DC  B 2 10 ? -9.564  -5.028  11.936  1.00 0.58 ? 21 DC  B P      1 
ATOM   634 O OP1    . DC  B 2 10 ? -10.833 -4.664  12.606  1.00 0.68 ? 21 DC  B OP1    1 
ATOM   635 O OP2    . DC  B 2 10 ? -8.368  -5.351  12.747  1.00 0.56 ? 21 DC  B OP2    1 
ATOM   636 O "O5'"  . DC  B 2 10 ? -9.853  -6.267  10.947  1.00 0.58 ? 21 DC  B "O5'"  1 
ATOM   637 C "C5'"  . DC  B 2 10 ? -10.897 -6.203  9.966   1.00 0.61 ? 21 DC  B "C5'"  1 
ATOM   638 C "C4'"  . DC  B 2 10 ? -10.926 -7.469  9.113   1.00 0.60 ? 21 DC  B "C4'"  1 
ATOM   639 O "O4'"  . DC  B 2 10 ? -9.681  -7.605  8.376   1.00 0.51 ? 21 DC  B "O4'"  1 
ATOM   640 C "C3'"  . DC  B 2 10 ? -11.061 -8.700  10.005  1.00 0.65 ? 21 DC  B "C3'"  1 
ATOM   641 O "O3'"  . DC  B 2 10 ? -11.993 -9.634  9.450   1.00 0.70 ? 21 DC  B "O3'"  1 
ATOM   642 C "C2'"  . DC  B 2 10 ? -9.667  -9.252  10.043  1.00 0.58 ? 21 DC  B "C2'"  1 
ATOM   643 C "C1'"  . DC  B 2 10 ? -9.089  -8.881  8.696   1.00 0.50 ? 21 DC  B "C1'"  1 
ATOM   644 N N1     . DC  B 2 10 ? -7.624  -8.728  8.770   1.00 0.41 ? 21 DC  B N1     1 
ATOM   645 C C2     . DC  B 2 10 ? -6.844  -9.327  7.787   1.00 0.37 ? 21 DC  B C2     1 
ATOM   646 O O2     . DC  B 2 10 ? -7.364  -9.984  6.886   1.00 0.39 ? 21 DC  B O2     1 
ATOM   647 N N3     . DC  B 2 10 ? -5.493  -9.161  7.852   1.00 0.31 ? 21 DC  B N3     1 
ATOM   648 C C4     . DC  B 2 10 ? -4.933  -8.442  8.834   1.00 0.30 ? 21 DC  B C4     1 
ATOM   649 N N4     . DC  B 2 10 ? -3.609  -8.304  8.868   1.00 0.28 ? 21 DC  B N4     1 
ATOM   650 C C5     . DC  B 2 10 ? -5.734  -7.826  9.845   1.00 0.35 ? 21 DC  B C5     1 
ATOM   651 C C6     . DC  B 2 10 ? -7.065  -7.993  9.774   1.00 0.40 ? 21 DC  B C6     1 
ATOM   652 H "H5'"  . DC  B 2 10 ? -10.726 -5.342  9.320   1.00 0.60 ? 21 DC  B "H5'"  1 
ATOM   653 H "H5''" . DC  B 2 10 ? -11.855 -6.089  10.470  1.00 0.68 ? 21 DC  B "H5''" 1 
ATOM   654 H "H4'"  . DC  B 2 10 ? -11.760 -7.425  8.415   1.00 0.65 ? 21 DC  B "H4'"  1 
ATOM   655 H "H3'"  . DC  B 2 10 ? -11.369 -8.399  11.009  1.00 0.69 ? 21 DC  B "H3'"  1 
ATOM   656 H "H2'"  . DC  B 2 10 ? -9.100  -8.782  10.845  1.00 0.57 ? 21 DC  B "H2'"  1 
ATOM   657 H "H2''" . DC  B 2 10 ? -9.687  -10.335 10.167  1.00 0.60 ? 21 DC  B "H2''" 1 
ATOM   658 H "H1'"  . DC  B 2 10 ? -9.354  -9.633  7.951   1.00 0.51 ? 21 DC  B "H1'"  1 
ATOM   659 H H41    . DC  B 2 10 ? -3.038  -8.737  8.157   1.00 0.28 ? 21 DC  B H41    1 
ATOM   660 H H42    . DC  B 2 10 ? -3.176  -7.765  9.605   1.00 0.29 ? 21 DC  B H42    1 
ATOM   661 H H5     . DC  B 2 10 ? -5.283  -7.242  10.645  1.00 0.35 ? 21 DC  B H5     1 
ATOM   662 H H6     . DC  B 2 10 ? -7.705  -7.532  10.526  1.00 0.45 ? 21 DC  B H6     1 
ATOM   663 P P      . DC  B 2 11 ? -11.765 -11.215 9.608   1.00 0.76 ? 22 DC  B P      1 
ATOM   664 O OP1    . DC  B 2 11 ? -13.040 -11.903 9.304   1.00 0.85 ? 22 DC  B OP1    1 
ATOM   665 O OP2    . DC  B 2 11 ? -11.082 -11.461 10.898  1.00 0.77 ? 22 DC  B OP2    1 
ATOM   666 O "O5'"  . DC  B 2 11 ? -10.727 -11.527 8.419   1.00 0.71 ? 22 DC  B "O5'"  1 
ATOM   667 C "C5'"  . DC  B 2 11 ? -11.144 -11.478 7.051   1.00 0.72 ? 22 DC  B "C5'"  1 
ATOM   668 C "C4'"  . DC  B 2 11 ? -10.500 -12.595 6.246   1.00 0.67 ? 22 DC  B "C4'"  1 
ATOM   669 O "O4'"  . DC  B 2 11 ? -9.099  -12.315 6.033   1.00 0.56 ? 22 DC  B "O4'"  1 
ATOM   670 C "C3'"  . DC  B 2 11 ? -10.609 -13.924 7.015   1.00 0.73 ? 22 DC  B "C3'"  1 
ATOM   671 O "O3'"  . DC  B 2 11 ? -11.415 -14.865 6.296   1.00 0.80 ? 22 DC  B "O3'"  1 
ATOM   672 C "C2'"  . DC  B 2 11 ? -9.198  -14.423 7.163   1.00 0.67 ? 22 DC  B "C2'"  1 
ATOM   673 C "C1'"  . DC  B 2 11 ? -8.287  -13.417 6.486   1.00 0.55 ? 22 DC  B "C1'"  1 
ATOM   674 N N1     . DC  B 2 11 ? -7.258  -12.964 7.430   1.00 0.50 ? 22 DC  B N1     1 
ATOM   675 C C2     . DC  B 2 11 ? -5.935  -13.119 7.061   1.00 0.45 ? 22 DC  B C2     1 
ATOM   676 O O2     . DC  B 2 11 ? -5.654  -13.611 5.973   1.00 0.45 ? 22 DC  B O2     1 
ATOM   677 N N3     . DC  B 2 11 ? -4.971  -12.719 7.933   1.00 0.44 ? 22 DC  B N3     1 
ATOM   678 C C4     . DC  B 2 11 ? -5.295  -12.189 9.118   1.00 0.47 ? 22 DC  B C4     1 
ATOM   679 N N4     . DC  B 2 11 ? -4.326  -11.804 9.951   1.00 0.50 ? 22 DC  B N4     1 
ATOM   680 C C5     . DC  B 2 11 ? -6.663  -12.027 9.501   1.00 0.52 ? 22 DC  B C5     1 
ATOM   681 C C6     . DC  B 2 11 ? -7.609  -12.427 8.627   1.00 0.53 ? 22 DC  B C6     1 
ATOM   682 H "H5'"  . DC  B 2 11 ? -10.856 -10.517 6.623   1.00 0.70 ? 22 DC  B "H5'"  1 
ATOM   683 H "H5''" . DC  B 2 11 ? -12.229 -11.580 7.002   1.00 0.80 ? 22 DC  B "H5''" 1 
ATOM   684 H "H4'"  . DC  B 2 11 ? -10.998 -12.674 5.255   1.00 0.70 ? 22 DC  B "H4'"  1 
ATOM   685 H "H3'"  . DC  B 2 11 ? -11.032 -13.761 8.032   1.00 0.79 ? 22 DC  B "H3'"  1 
ATOM   686 H "HO3'" . DC  B 2 11 ? -12.158 -14.382 5.928   1.00 0.92 ? 22 DC  B "HO3'" 1 
ATOM   687 H "H2'"  . DC  B 2 11 ? -8.943  -14.497 8.220   1.00 0.69 ? 22 DC  B "H2'"  1 
ATOM   688 H "H2''" . DC  B 2 11 ? -9.092  -15.391 6.692   1.00 0.70 ? 22 DC  B "H2''" 1 
ATOM   689 H "H1'"  . DC  B 2 11 ? -7.804  -13.886 5.629   1.00 0.53 ? 22 DC  B "H1'"  1 
ATOM   690 H H41    . DC  B 2 11 ? -3.357  -11.915 9.685   1.00 0.50 ? 22 DC  B H41    1 
ATOM   691 H H42    . DC  B 2 11 ? -4.560  -11.401 10.846  1.00 0.54 ? 22 DC  B H42    1 
ATOM   692 H H5     . DC  B 2 11 ? -6.928  -11.602 10.467  1.00 0.56 ? 22 DC  B H5     1 
ATOM   693 H H6     . DC  B 2 11 ? -8.665  -12.322 8.877   1.00 0.58 ? 22 DC  B H6     1 
HETATM 694 C C4C    . BZR C 3 .  ? 0.077   3.477   4.682   1.00 0.28 ? 26 BZR A C4C    1 
HETATM 695 C C9C    . BZR C 3 .  ? 0.483   4.739   3.961   1.00 0.31 ? 26 BZR A C9C    1 
HETATM 696 O O3     . BZR C 3 .  ? 0.019   5.888   4.675   1.00 0.32 ? 26 BZR A O3     1 
HETATM 697 C C8B    . BZR C 3 .  ? 2.005   4.795   3.792   1.00 0.33 ? 26 BZR A C8B    1 
HETATM 698 O O2     . BZR C 3 .  ? 2.395   6.096   3.338   1.00 0.35 ? 26 BZR A O2     1 
HETATM 699 C C3B    . BZR C 3 .  ? 2.732   4.459   5.100   1.00 0.32 ? 26 BZR A C3B    1 
HETATM 700 O O1     . BZR C 3 .  ? 3.318   3.156   5.028   1.00 0.29 ? 26 BZR A O1     1 
HETATM 701 C C3A    . BZR C 3 .  ? 1.745   4.492   6.255   1.00 0.30 ? 26 BZR A C3A    1 
HETATM 702 C C2A    . BZR C 3 .  ? 2.107   4.986   7.537   1.00 0.32 ? 26 BZR A C2A    1 
HETATM 703 C C4A    . BZR C 3 .  ? 0.445   4.013   6.041   1.00 0.28 ? 26 BZR A C4A    1 
HETATM 704 C C1A    . BZR C 3 .  ? 1.158   4.997   8.578   1.00 0.31 ? 26 BZR A C1A    1 
HETATM 705 C C5A    . BZR C 3 .  ? -1.794  3.542   6.837   1.00 0.25 ? 26 BZR A C5A    1 
HETATM 706 C C4B    . BZR C 3 .  ? -0.499  4.024   7.077   1.00 0.27 ? 26 BZR A C4B    1 
HETATM 707 C C6A    . BZR C 3 .  ? -4.039  3.067   7.614   1.00 0.25 ? 26 BZR A C6A    1 
HETATM 708 C C7A    . BZR C 3 .  ? -5.006  3.072   8.640   1.00 0.26 ? 26 BZR A C7A    1 
HETATM 709 C C8A    . BZR C 3 .  ? -4.672  3.562   9.921   1.00 0.27 ? 26 BZR A C8A    1 
HETATM 710 C C5B    . BZR C 3 .  ? -2.746  3.550   7.866   1.00 0.25 ? 26 BZR A C5B    1 
HETATM 711 C C9B    . BZR C 3 .  ? -2.407  4.041   9.142   1.00 0.27 ? 26 BZR A C9B    1 
HETATM 712 C C11    . BZR C 3 .  ? -0.149  4.517   8.347   1.00 0.29 ? 26 BZR A C11    1 
HETATM 713 C C9A    . BZR C 3 .  ? -3.370  4.048   10.171  1.00 0.28 ? 26 BZR A C9A    1 
HETATM 714 C C10    . BZR C 3 .  ? -1.104  4.526   9.385   1.00 0.29 ? 26 BZR A C10    1 
HETATM 715 H H4C1   . BZR C 3 .  ? -1.045  3.577   4.732   1.00 0.27 ? 26 BZR A H4C1   1 
HETATM 716 H H9C    . BZR C 3 .  ? 0.024   4.737   2.973   1.00 0.33 ? 26 BZR A H9C    1 
HETATM 717 H H3     . BZR C 3 .  ? -0.767  6.205   4.223   1.00 0.86 ? 26 BZR A H3     1 
HETATM 718 H H8B    . BZR C 3 .  ? 2.296   4.066   3.037   1.00 0.34 ? 26 BZR A H8B    1 
HETATM 719 H HO2    . BZR C 3 .  ? 1.830   6.319   2.594   1.00 0.76 ? 26 BZR A HO2    1 
HETATM 720 H H3B    . BZR C 3 .  ? 3.520   5.194   5.257   1.00 0.35 ? 26 BZR A H3B    1 
HETATM 721 H H1     . BZR C 3 .  ? 2.962   2.644   5.759   1.00 0.27 ? 26 BZR A H1     1 
HETATM 722 H H2A    . BZR C 3 .  ? 3.103   5.357   7.727   1.00 0.34 ? 26 BZR A H2A    1 
HETATM 723 H H1A    . BZR C 3 .  ? 1.434   5.367   9.553   1.00 0.33 ? 26 BZR A H1A    1 
HETATM 724 H H5A    . BZR C 3 .  ? -2.057  3.165   5.859   1.00 0.25 ? 26 BZR A H5A    1 
HETATM 725 H H6A    . BZR C 3 .  ? -4.287  2.694   6.630   1.00 0.24 ? 26 BZR A H6A    1 
HETATM 726 H H7A    . BZR C 3 .  ? -6.001  2.700   8.447   1.00 0.26 ? 26 BZR A H7A    1 
HETATM 727 H H8A    . BZR C 3 .  ? -5.410  3.566   10.708  1.00 0.29 ? 26 BZR A H8A    1 
HETATM 728 H H9A    . BZR C 3 .  ? -3.112  4.424   11.151  1.00 0.30 ? 26 BZR A H9A    1 
HETATM 729 H H10    . BZR C 3 .  ? -0.840  4.903   10.361  1.00 0.31 ? 26 BZR A H10    1 
# 
